data_2Z6J
#
_entry.id   2Z6J
#
_cell.length_a   50.630
_cell.length_b   126.485
_cell.length_c   53.522
_cell.angle_alpha   90.00
_cell.angle_beta   112.04
_cell.angle_gamma   90.00
#
_symmetry.space_group_name_H-M   'P 1 21 1'
#
loop_
_entity.id
_entity.type
_entity.pdbx_description
1 polymer 'Trans-2-enoyl-ACP reductase II'
2 non-polymer 'CALCIUM ION'
3 non-polymer 'FLAVIN MONONUCLEOTIDE'
4 non-polymer '2-(4-(2-((3-(5-(PYRIDIN-2-YLTHIO)THIAZOL-2-YL)UREIDO)METHYL)-1H-IMIDAZOL-4-YL)PHENOXY)ACETIC ACID'
5 non-polymer (4S)-2-METHYL-2,4-PENTANEDIOL
6 water water
#
_entity_poly.entity_id   1
_entity_poly.type   'polypeptide(L)'
_entity_poly.pdbx_seq_one_letter_code
;MKTRITELLKIDYPIFQGGMAWVADGDLAGAVSKAGGLGIIGGGNAPKEVVKANIDKIKSLTDKPFGVNIMLLSPFVEDI
VDLVIEEGVKVVTTGAGNPSKYMERFHEAGIIVIPVVPSVALAKRMEKIGADAVIAEGMEAGGHIGKLTTMTLVRQVATA
ISIPVIAAGGIADGEGAAAGFMLGAEAVQVGTRFVVAKESNAHPNYKEKILKARDIDTTISAQHFGHAVRAIKNQLTRDF
ELAEKDAFKQEDPDLEIFEQMGAGALAKAVVHGDVDGGSVMAGQIAGLVSKEETAEEILKDLYYGAAKKIQEEASRWTGV
VRNDLEHHHHHH
;
_entity_poly.pdbx_strand_id   A,B
#
loop_
_chem_comp.id
_chem_comp.type
_chem_comp.name
_chem_comp.formula
CA non-polymer 'CALCIUM ION' 'Ca 2'
FMN non-polymer 'FLAVIN MONONUCLEOTIDE' 'C17 H21 N4 O9 P'
MPD non-polymer (4S)-2-METHYL-2,4-PENTANEDIOL 'C6 H14 O2'
TUI non-polymer '2-(4-(2-((3-(5-(PYRIDIN-2-YLTHIO)THIAZOL-2-YL)UREIDO)METHYL)-1H-IMIDAZOL-4-YL)PHENOXY)ACETIC ACID' 'C21 H18 N6 O4 S2'
#
# COMPACT_ATOMS: atom_id res chain seq x y z
N MET A 1 11.82 9.34 22.34
CA MET A 1 10.86 8.26 21.92
C MET A 1 11.42 6.84 22.11
N LYS A 2 10.53 5.93 22.47
CA LYS A 2 10.88 4.51 22.62
C LYS A 2 9.77 3.67 22.03
N THR A 3 10.17 2.61 21.31
CA THR A 3 9.22 1.61 20.87
C THR A 3 9.65 0.28 21.48
N ARG A 4 8.80 -0.72 21.42
CA ARG A 4 9.17 -2.07 21.89
C ARG A 4 10.36 -2.65 21.10
N ILE A 5 10.56 -2.16 19.86
CA ILE A 5 11.69 -2.61 19.03
C ILE A 5 13.03 -1.97 19.45
N THR A 6 13.01 -0.67 19.73
CA THR A 6 14.22 0.00 20.23
C THR A 6 14.73 -0.61 21.53
N GLU A 7 13.81 -1.11 22.36
CA GLU A 7 14.15 -1.68 23.67
C GLU A 7 14.53 -3.16 23.63
N LEU A 8 13.87 -3.93 22.76
CA LEU A 8 14.27 -5.31 22.50
C LEU A 8 15.67 -5.37 21.87
N LEU A 9 15.95 -4.44 20.96
CA LEU A 9 17.16 -4.49 20.13
C LEU A 9 18.30 -3.57 20.59
N LYS A 10 17.98 -2.64 21.50
CA LYS A 10 18.93 -1.64 22.02
C LYS A 10 19.57 -0.80 20.92
N ILE A 11 18.71 -0.23 20.08
CA ILE A 11 19.14 0.62 18.96
C ILE A 11 18.57 2.03 19.09
N ASP A 12 19.31 3.01 18.57
CA ASP A 12 18.93 4.43 18.67
C ASP A 12 17.71 4.83 17.82
N TYR A 13 17.57 4.22 16.64
CA TYR A 13 16.47 4.53 15.73
C TYR A 13 15.71 3.26 15.38
N PRO A 14 14.35 3.31 15.34
CA PRO A 14 13.55 2.12 14.99
C PRO A 14 13.46 1.83 13.47
N ILE A 15 14.61 1.74 12.81
CA ILE A 15 14.73 1.57 11.36
C ILE A 15 15.68 0.39 11.09
N PHE A 16 15.23 -0.56 10.25
CA PHE A 16 16.07 -1.66 9.77
C PHE A 16 16.44 -1.39 8.32
N GLN A 17 17.73 -1.47 8.00
CA GLN A 17 18.12 -1.63 6.60
C GLN A 17 17.82 -3.09 6.27
N GLY A 18 16.83 -3.30 5.40
CA GLY A 18 16.36 -4.65 5.11
C GLY A 18 17.43 -5.55 4.52
N GLY A 19 17.49 -6.79 5.01
CA GLY A 19 18.36 -7.81 4.46
C GLY A 19 18.12 -7.94 2.99
N MET A 20 19.19 -7.78 2.20
CA MET A 20 19.12 -7.79 0.74
C MET A 20 20.23 -8.66 0.15
N ALA A 21 19.83 -9.68 -0.61
CA ALA A 21 20.78 -10.49 -1.38
C ALA A 21 21.73 -9.63 -2.24
N TRP A 22 23.03 -9.80 -2.02
CA TRP A 22 24.10 -9.13 -2.79
C TRP A 22 24.38 -7.68 -2.33
N VAL A 23 23.32 -6.86 -2.27
CA VAL A 23 23.44 -5.49 -1.83
C VAL A 23 23.93 -5.38 -0.38
N ALA A 24 23.28 -6.12 0.52
CA ALA A 24 23.50 -6.00 1.95
C ALA A 24 24.72 -6.75 2.44
N ASP A 25 25.90 -6.25 2.06
CA ASP A 25 27.16 -6.81 2.57
C ASP A 25 27.54 -6.12 3.86
N GLY A 26 28.80 -6.29 4.29
CA GLY A 26 29.27 -5.79 5.56
C GLY A 26 29.33 -4.28 5.66
N ASP A 27 29.78 -3.62 4.59
CA ASP A 27 30.01 -2.16 4.55
C ASP A 27 28.73 -1.35 4.69
N LEU A 28 27.65 -1.84 4.09
CA LEU A 28 26.34 -1.19 4.17
C LEU A 28 25.69 -1.42 5.53
N ALA A 29 25.70 -2.69 5.95
CA ALA A 29 25.17 -3.09 7.25
C ALA A 29 25.96 -2.49 8.41
N GLY A 30 27.26 -2.25 8.18
CA GLY A 30 28.14 -1.56 9.13
C GLY A 30 27.75 -0.12 9.35
N ALA A 31 27.72 0.64 8.25
CA ALA A 31 27.34 2.06 8.26
C ALA A 31 25.96 2.30 8.87
N VAL A 32 25.00 1.44 8.56
CA VAL A 32 23.66 1.54 9.18
C VAL A 32 23.70 1.32 10.70
N SER A 33 24.36 0.24 11.14
CA SER A 33 24.59 -0.02 12.56
C SER A 33 25.40 1.09 13.24
N LYS A 34 26.45 1.57 12.57
CA LYS A 34 27.33 2.61 13.14
C LYS A 34 26.58 3.91 13.37
N ALA A 35 25.70 4.26 12.43
CA ALA A 35 24.85 5.45 12.53
C ALA A 35 23.67 5.30 13.52
N GLY A 36 23.44 4.10 14.04
CA GLY A 36 22.45 3.89 15.10
C GLY A 36 21.16 3.15 14.77
N GLY A 37 21.06 2.60 13.55
CA GLY A 37 19.90 1.78 13.17
C GLY A 37 20.21 0.30 13.28
N LEU A 38 19.37 -0.53 12.67
CA LEU A 38 19.74 -1.93 12.51
C LEU A 38 20.15 -2.25 11.08
N GLY A 39 21.46 -2.33 10.85
CA GLY A 39 21.99 -2.90 9.61
C GLY A 39 21.87 -4.42 9.64
N ILE A 40 21.58 -5.00 8.48
CA ILE A 40 21.31 -6.44 8.37
C ILE A 40 22.07 -6.96 7.15
N ILE A 41 23.00 -7.89 7.39
CA ILE A 41 23.67 -8.63 6.33
C ILE A 41 22.66 -9.59 5.72
N GLY A 42 22.49 -9.52 4.40
CA GLY A 42 21.62 -10.44 3.69
C GLY A 42 22.38 -11.69 3.33
N GLY A 43 21.92 -12.84 3.83
CA GLY A 43 22.50 -14.14 3.49
C GLY A 43 22.29 -14.56 2.04
N GLY A 44 21.17 -14.11 1.44
CA GLY A 44 20.78 -14.49 0.07
C GLY A 44 20.95 -15.97 -0.27
N ASN A 45 21.54 -16.24 -1.42
CA ASN A 45 21.84 -17.62 -1.85
C ASN A 45 23.35 -17.94 -1.69
N ALA A 46 24.01 -17.27 -0.75
CA ALA A 46 25.47 -17.30 -0.63
C ALA A 46 25.99 -18.42 0.28
N PRO A 47 27.15 -19.02 -0.07
CA PRO A 47 27.78 -20.04 0.76
C PRO A 47 28.21 -19.47 2.12
N LYS A 48 28.35 -20.36 3.10
CA LYS A 48 28.71 -20.02 4.47
C LYS A 48 29.98 -19.16 4.57
N GLU A 49 30.92 -19.37 3.66
CA GLU A 49 32.21 -18.70 3.70
C GLU A 49 32.14 -17.21 3.28
N VAL A 50 31.26 -16.91 2.32
CA VAL A 50 30.99 -15.52 1.90
C VAL A 50 30.30 -14.68 3.00
N VAL A 51 29.29 -15.28 3.67
CA VAL A 51 28.53 -14.58 4.68
C VAL A 51 29.40 -14.31 5.91
N LYS A 52 30.24 -15.29 6.26
CA LYS A 52 31.20 -15.14 7.35
C LYS A 52 32.14 -13.94 7.13
N ALA A 53 32.65 -13.81 5.91
CA ALA A 53 33.47 -12.64 5.55
C ALA A 53 32.73 -11.32 5.81
N ASN A 54 31.43 -11.29 5.47
CA ASN A 54 30.56 -10.14 5.75
C ASN A 54 30.39 -9.89 7.25
N ILE A 55 30.05 -10.94 8.00
CA ILE A 55 29.99 -10.89 9.47
C ILE A 55 31.34 -10.44 10.08
N ASP A 56 32.44 -10.99 9.56
CA ASP A 56 33.79 -10.56 9.97
C ASP A 56 34.03 -9.09 9.67
N LYS A 57 33.69 -8.64 8.46
CA LYS A 57 33.84 -7.24 8.05
C LYS A 57 33.06 -6.28 8.95
N ILE A 58 31.81 -6.61 9.28
CA ILE A 58 30.98 -5.68 10.08
C ILE A 58 31.44 -5.48 11.53
N LYS A 59 31.80 -6.55 12.23
CA LYS A 59 32.30 -6.47 13.61
C LYS A 59 33.53 -5.55 13.77
N SER A 60 34.30 -5.37 12.70
CA SER A 60 35.53 -4.57 12.74
C SER A 60 35.27 -3.11 12.41
N LEU A 61 34.09 -2.84 11.87
CA LEU A 61 33.64 -1.49 11.54
C LEU A 61 32.86 -0.82 12.68
N THR A 62 32.01 -1.60 13.36
CA THR A 62 31.14 -1.08 14.42
C THR A 62 30.90 -2.11 15.53
N ASP A 63 30.68 -1.62 16.75
CA ASP A 63 30.34 -2.45 17.92
C ASP A 63 28.84 -2.57 18.16
N LYS A 64 28.07 -1.76 17.43
CA LYS A 64 26.63 -1.65 17.62
C LYS A 64 25.88 -2.89 17.09
N PRO A 65 24.65 -3.13 17.57
CA PRO A 65 23.81 -4.26 17.12
C PRO A 65 23.67 -4.36 15.61
N PHE A 66 23.61 -5.61 15.12
CA PHE A 66 23.35 -5.93 13.70
C PHE A 66 22.60 -7.25 13.57
N GLY A 67 21.88 -7.41 12.46
CA GLY A 67 21.16 -8.63 12.18
C GLY A 67 21.76 -9.39 11.01
N VAL A 68 21.31 -10.63 10.82
CA VAL A 68 21.65 -11.42 9.64
C VAL A 68 20.37 -11.97 9.05
N ASN A 69 20.16 -11.76 7.75
CA ASN A 69 19.00 -12.30 7.06
C ASN A 69 19.27 -13.70 6.54
N ILE A 70 18.33 -14.59 6.85
CA ILE A 70 18.34 -15.94 6.33
C ILE A 70 17.20 -16.11 5.32
N MET A 71 17.60 -16.22 4.06
CA MET A 71 16.66 -16.38 2.95
C MET A 71 16.41 -17.87 2.79
N LEU A 72 15.19 -18.32 3.05
CA LEU A 72 14.85 -19.75 3.20
C LEU A 72 14.80 -20.61 1.92
N LEU A 73 14.89 -19.98 0.76
CA LEU A 73 14.98 -20.70 -0.52
C LEU A 73 16.46 -21.00 -0.85
N SER A 74 17.37 -20.50 -0.02
CA SER A 74 18.81 -20.71 -0.21
C SER A 74 19.17 -22.19 -0.23
N PRO A 75 20.10 -22.60 -1.13
CA PRO A 75 20.66 -23.96 -1.05
C PRO A 75 21.44 -24.21 0.25
N PHE A 76 21.92 -23.13 0.86
CA PHE A 76 22.84 -23.18 1.99
C PHE A 76 22.18 -22.80 3.31
N VAL A 77 20.84 -22.92 3.37
CA VAL A 77 20.09 -22.51 4.58
C VAL A 77 20.64 -23.15 5.85
N GLU A 78 20.88 -24.46 5.85
CA GLU A 78 21.34 -25.12 7.06
C GLU A 78 22.67 -24.55 7.57
N ASP A 79 23.58 -24.23 6.64
CA ASP A 79 24.88 -23.62 6.99
C ASP A 79 24.78 -22.20 7.54
N ILE A 80 23.79 -21.43 7.08
CA ILE A 80 23.64 -20.04 7.54
C ILE A 80 23.00 -20.00 8.93
N VAL A 81 22.08 -20.93 9.19
CA VAL A 81 21.60 -21.21 10.55
C VAL A 81 22.77 -21.52 11.49
N ASP A 82 23.66 -22.42 11.07
CA ASP A 82 24.88 -22.75 11.80
C ASP A 82 25.71 -21.51 12.06
N LEU A 83 25.92 -20.74 10.99
CA LEU A 83 26.87 -19.63 11.00
C LEU A 83 26.50 -18.56 12.03
N VAL A 84 25.23 -18.20 12.09
CA VAL A 84 24.78 -17.12 12.97
C VAL A 84 25.00 -17.47 14.43
N ILE A 85 24.73 -18.74 14.78
CA ILE A 85 24.86 -19.27 16.14
C ILE A 85 26.33 -19.36 16.60
N GLU A 86 27.21 -19.73 15.66
CA GLU A 86 28.65 -19.86 15.92
C GLU A 86 29.36 -18.53 16.09
N GLU A 87 28.85 -17.50 15.40
CA GLU A 87 29.53 -16.19 15.38
C GLU A 87 28.92 -15.17 16.34
N GLY A 88 28.03 -15.63 17.22
CA GLY A 88 27.43 -14.79 18.26
C GLY A 88 26.53 -13.66 17.79
N VAL A 89 25.85 -13.87 16.67
CA VAL A 89 24.90 -12.89 16.12
C VAL A 89 23.62 -12.88 16.97
N LYS A 90 23.20 -11.68 17.37
CA LYS A 90 22.12 -11.54 18.34
C LYS A 90 20.71 -11.44 17.74
N VAL A 91 20.61 -10.94 16.51
CA VAL A 91 19.31 -10.86 15.82
C VAL A 91 19.30 -11.62 14.49
N VAL A 92 18.19 -12.30 14.20
CA VAL A 92 18.02 -12.93 12.88
C VAL A 92 16.65 -12.52 12.30
N THR A 93 16.65 -12.04 11.06
CA THR A 93 15.40 -11.93 10.31
C THR A 93 15.40 -13.00 9.21
N THR A 94 14.20 -13.44 8.80
CA THR A 94 14.02 -14.50 7.81
C THR A 94 13.09 -14.04 6.67
N GLY A 95 13.19 -14.68 5.51
CA GLY A 95 12.32 -14.38 4.38
C GLY A 95 12.22 -15.48 3.36
N ALA A 96 11.21 -15.42 2.50
CA ALA A 96 10.92 -16.40 1.44
C ALA A 96 10.50 -17.79 1.95
N GLY A 97 9.93 -17.86 3.14
CA GLY A 97 9.44 -19.13 3.65
C GLY A 97 9.14 -19.19 5.15
N ASN A 98 8.84 -20.40 5.60
CA ASN A 98 8.49 -20.66 6.99
C ASN A 98 9.70 -21.09 7.84
N PRO A 99 10.11 -20.27 8.82
CA PRO A 99 11.27 -20.59 9.66
C PRO A 99 10.98 -21.50 10.89
N SER A 100 9.77 -22.04 10.99
CA SER A 100 9.30 -22.68 12.22
C SER A 100 10.19 -23.82 12.77
N LYS A 101 10.83 -24.61 11.89
CA LYS A 101 11.74 -25.67 12.34
C LYS A 101 13.07 -25.17 12.96
N TYR A 102 13.36 -23.88 12.84
CA TYR A 102 14.56 -23.29 13.39
C TYR A 102 14.36 -22.48 14.68
N MET A 103 13.10 -22.21 15.03
CA MET A 103 12.74 -21.37 16.19
C MET A 103 13.32 -21.83 17.53
N GLU A 104 13.23 -23.14 17.82
CA GLU A 104 13.69 -23.66 19.11
C GLU A 104 15.21 -23.70 19.21
N ARG A 105 15.88 -23.94 18.10
CA ARG A 105 17.33 -23.91 18.06
C ARG A 105 17.89 -22.48 18.24
N PHE A 106 17.28 -21.50 17.57
CA PHE A 106 17.66 -20.09 17.71
C PHE A 106 17.46 -19.58 19.14
N HIS A 107 16.32 -19.87 19.74
CA HIS A 107 16.05 -19.41 21.11
C HIS A 107 16.95 -20.06 22.17
N GLU A 108 17.32 -21.32 21.95
CA GLU A 108 18.27 -22.02 22.82
C GLU A 108 19.66 -21.42 22.66
N ALA A 109 19.88 -20.71 21.55
CA ALA A 109 21.14 -19.99 21.34
C ALA A 109 21.08 -18.55 21.87
N GLY A 110 19.91 -18.16 22.40
CA GLY A 110 19.68 -16.81 22.90
C GLY A 110 19.45 -15.79 21.79
N ILE A 111 19.06 -16.28 20.61
CA ILE A 111 18.89 -15.43 19.42
C ILE A 111 17.48 -14.86 19.27
N ILE A 112 17.39 -13.62 18.81
CA ILE A 112 16.12 -12.89 18.65
C ILE A 112 15.61 -13.06 17.22
N VAL A 113 14.47 -13.75 17.03
CA VAL A 113 14.02 -14.12 15.66
C VAL A 113 12.82 -13.29 15.16
N ILE A 114 13.01 -12.65 14.00
CA ILE A 114 12.03 -11.72 13.40
C ILE A 114 11.65 -12.10 11.94
N PRO A 115 10.68 -13.00 11.78
CA PRO A 115 10.29 -13.49 10.45
C PRO A 115 9.52 -12.45 9.61
N VAL A 116 9.75 -12.43 8.30
CA VAL A 116 8.86 -11.70 7.40
C VAL A 116 7.62 -12.57 7.20
N VAL A 117 6.45 -11.96 7.23
CA VAL A 117 5.18 -12.67 7.06
C VAL A 117 4.35 -12.02 5.95
N PRO A 118 3.74 -12.86 5.07
CA PRO A 118 2.87 -12.39 3.99
C PRO A 118 1.38 -12.33 4.35
N SER A 119 0.98 -12.88 5.50
CA SER A 119 -0.45 -12.92 5.88
C SER A 119 -0.71 -12.85 7.38
N VAL A 120 -2.00 -12.68 7.71
CA VAL A 120 -2.48 -12.71 9.10
C VAL A 120 -2.35 -14.10 9.73
N ALA A 121 -2.67 -15.15 8.97
CA ALA A 121 -2.57 -16.54 9.43
C ALA A 121 -1.12 -16.97 9.72
N LEU A 122 -0.17 -16.43 8.97
CA LEU A 122 1.25 -16.73 9.21
C LEU A 122 1.84 -15.90 10.36
N ALA A 123 1.39 -14.65 10.49
CA ALA A 123 1.76 -13.78 11.61
C ALA A 123 1.35 -14.37 12.95
N LYS A 124 0.09 -14.81 13.02
CA LYS A 124 -0.50 -15.47 14.20
C LYS A 124 0.27 -16.75 14.55
N ARG A 125 0.58 -17.57 13.55
CA ARG A 125 1.33 -18.80 13.77
C ARG A 125 2.77 -18.57 14.26
N MET A 126 3.45 -17.59 13.68
CA MET A 126 4.80 -17.20 14.14
C MET A 126 4.77 -16.74 15.59
N GLU A 127 3.75 -15.97 15.94
CA GLU A 127 3.50 -15.58 17.32
C GLU A 127 3.34 -16.79 18.25
N LYS A 128 2.73 -17.85 17.75
CA LYS A 128 2.37 -19.03 18.53
C LYS A 128 3.53 -20.02 18.78
N ILE A 129 4.55 -19.96 17.94
CA ILE A 129 5.75 -20.78 18.11
C ILE A 129 6.91 -20.00 18.80
N GLY A 130 6.65 -18.72 19.11
CA GLY A 130 7.55 -17.95 19.95
C GLY A 130 8.35 -16.84 19.29
N ALA A 131 7.94 -16.40 18.10
CA ALA A 131 8.64 -15.28 17.45
C ALA A 131 8.59 -14.01 18.28
N ASP A 132 9.71 -13.30 18.31
CA ASP A 132 9.91 -12.10 19.12
C ASP A 132 9.27 -10.86 18.50
N ALA A 133 9.15 -10.88 17.17
CA ALA A 133 8.49 -9.83 16.38
C ALA A 133 8.38 -10.37 14.96
N VAL A 134 7.58 -9.72 14.11
CA VAL A 134 7.49 -10.08 12.69
C VAL A 134 7.63 -8.84 11.80
N ILE A 135 7.98 -9.07 10.55
CA ILE A 135 7.98 -7.99 9.57
C ILE A 135 6.83 -8.19 8.58
N ALA A 136 6.01 -7.15 8.44
CA ALA A 136 4.96 -7.14 7.43
C ALA A 136 5.51 -6.48 6.17
N GLU A 137 5.74 -7.27 5.13
CA GLU A 137 6.23 -6.74 3.85
C GLU A 137 5.17 -6.70 2.75
N GLY A 138 4.90 -5.50 2.25
CA GLY A 138 3.95 -5.30 1.15
C GLY A 138 4.52 -5.65 -0.22
N MET A 139 3.61 -6.01 -1.13
CA MET A 139 3.93 -6.32 -2.53
C MET A 139 4.55 -5.16 -3.34
N GLU A 140 4.46 -3.93 -2.83
CA GLU A 140 5.12 -2.78 -3.46
C GLU A 140 6.63 -2.81 -3.33
N ALA A 141 7.12 -3.59 -2.36
CA ALA A 141 8.55 -3.78 -2.10
C ALA A 141 9.35 -4.30 -3.31
N GLY A 142 10.66 -4.02 -3.30
CA GLY A 142 11.57 -4.61 -4.27
C GLY A 142 11.76 -6.06 -3.94
N GLY A 143 12.20 -6.84 -4.93
CA GLY A 143 12.50 -8.26 -4.74
C GLY A 143 11.30 -9.19 -4.76
N HIS A 144 11.39 -10.29 -4.04
CA HIS A 144 10.38 -11.36 -4.07
C HIS A 144 9.18 -11.06 -3.15
N ILE A 145 7.98 -10.99 -3.75
CA ILE A 145 6.81 -10.38 -3.09
C ILE A 145 5.57 -11.27 -2.95
N GLY A 146 4.76 -10.96 -1.94
CA GLY A 146 3.44 -11.56 -1.75
C GLY A 146 2.39 -10.78 -2.51
N LYS A 147 1.13 -10.89 -2.08
CA LYS A 147 -0.01 -10.28 -2.78
C LYS A 147 -0.63 -9.06 -2.08
N LEU A 148 -0.59 -9.04 -0.74
CA LEU A 148 -1.11 -7.91 0.03
C LEU A 148 -0.16 -6.70 0.03
N THR A 149 -0.76 -5.51 0.05
CA THR A 149 -0.02 -4.23 0.12
C THR A 149 0.37 -3.86 1.57
N THR A 150 1.30 -2.91 1.72
CA THR A 150 1.71 -2.38 3.04
C THR A 150 0.53 -1.80 3.83
N MET A 151 -0.26 -0.95 3.18
CA MET A 151 -1.46 -0.36 3.78
C MET A 151 -2.37 -1.39 4.45
N THR A 152 -2.63 -2.50 3.76
CA THR A 152 -3.61 -3.48 4.22
C THR A 152 -3.03 -4.65 5.05
N LEU A 153 -1.81 -5.05 4.72
CA LEU A 153 -1.13 -6.10 5.46
C LEU A 153 -0.68 -5.65 6.86
N VAL A 154 -0.12 -4.45 6.97
CA VAL A 154 0.38 -3.97 8.26
C VAL A 154 -0.77 -3.70 9.23
N ARG A 155 -1.85 -3.10 8.74
CA ARG A 155 -3.09 -2.93 9.52
C ARG A 155 -3.58 -4.26 10.12
N GLN A 156 -3.82 -5.25 9.27
CA GLN A 156 -4.44 -6.50 9.69
C GLN A 156 -3.51 -7.42 10.50
N VAL A 157 -2.19 -7.26 10.31
CA VAL A 157 -1.23 -8.02 11.09
C VAL A 157 -0.99 -7.35 12.46
N ALA A 158 -0.81 -6.04 12.49
CA ALA A 158 -0.73 -5.35 13.78
C ALA A 158 -1.96 -5.68 14.64
N THR A 159 -3.13 -5.77 14.00
CA THR A 159 -4.38 -6.06 14.69
C THR A 159 -4.48 -7.47 15.25
N ALA A 160 -3.95 -8.45 14.53
CA ALA A 160 -4.10 -9.85 14.92
C ALA A 160 -3.13 -10.31 16.00
N ILE A 161 -2.00 -9.61 16.17
CA ILE A 161 -0.95 -10.07 17.09
C ILE A 161 -0.53 -9.06 18.16
N SER A 162 -0.04 -9.56 19.29
CA SER A 162 0.34 -8.71 20.41
C SER A 162 1.87 -8.46 20.47
N ILE A 163 2.63 -9.25 19.73
CA ILE A 163 4.05 -8.99 19.55
C ILE A 163 4.27 -7.81 18.58
N PRO A 164 5.42 -7.11 18.70
CA PRO A 164 5.72 -5.95 17.83
C PRO A 164 5.80 -6.23 16.32
N VAL A 165 5.22 -5.32 15.53
CA VAL A 165 5.25 -5.40 14.08
C VAL A 165 6.17 -4.31 13.51
N ILE A 166 6.92 -4.69 12.47
CA ILE A 166 7.75 -3.78 11.68
C ILE A 166 7.15 -3.70 10.27
N ALA A 167 6.99 -2.48 9.75
CA ALA A 167 6.39 -2.27 8.44
C ALA A 167 7.43 -2.22 7.32
N ALA A 168 7.21 -2.99 6.26
CA ALA A 168 8.12 -3.03 5.12
C ALA A 168 7.41 -2.84 3.78
N GLY A 169 8.11 -2.24 2.83
CA GLY A 169 7.57 -2.06 1.48
C GLY A 169 6.99 -0.69 1.24
N GLY A 170 7.72 0.15 0.51
CA GLY A 170 7.22 1.47 0.06
C GLY A 170 7.58 2.66 0.93
N ILE A 171 8.64 2.55 1.74
CA ILE A 171 9.03 3.63 2.66
C ILE A 171 10.38 4.20 2.28
N ALA A 172 10.42 5.48 1.86
CA ALA A 172 11.70 6.11 1.50
C ALA A 172 11.91 7.49 2.09
N ASP A 173 10.99 7.93 2.96
CA ASP A 173 11.10 9.22 3.63
C ASP A 173 10.27 9.27 4.90
N GLY A 174 10.35 10.37 5.63
CA GLY A 174 9.72 10.45 6.96
C GLY A 174 8.20 10.36 6.93
N GLU A 175 7.58 10.89 5.88
CA GLU A 175 6.14 10.77 5.68
C GLU A 175 5.74 9.32 5.50
N GLY A 176 6.57 8.57 4.78
CA GLY A 176 6.36 7.15 4.59
C GLY A 176 6.52 6.40 5.89
N ALA A 177 7.58 6.73 6.62
CA ALA A 177 7.87 6.10 7.90
C ALA A 177 6.83 6.40 8.97
N ALA A 178 6.34 7.63 9.00
CA ALA A 178 5.25 8.00 9.93
C ALA A 178 3.98 7.22 9.63
N ALA A 179 3.65 7.08 8.35
CA ALA A 179 2.50 6.30 7.91
C ALA A 179 2.50 4.86 8.41
N GLY A 180 3.68 4.23 8.41
CA GLY A 180 3.85 2.88 8.92
C GLY A 180 3.61 2.76 10.42
N PHE A 181 4.18 3.70 11.19
CA PHE A 181 3.83 3.83 12.60
C PHE A 181 2.31 3.99 12.84
N MET A 182 1.63 4.78 12.00
CA MET A 182 0.17 4.97 12.10
C MET A 182 -0.62 3.69 11.92
N LEU A 183 -0.11 2.77 11.09
CA LEU A 183 -0.85 1.53 10.80
C LEU A 183 -0.74 0.45 11.91
N GLY A 184 0.07 0.72 12.92
CA GLY A 184 0.29 -0.21 14.04
C GLY A 184 1.74 -0.63 14.25
N ALA A 185 2.63 -0.14 13.39
CA ALA A 185 4.04 -0.56 13.38
C ALA A 185 4.85 0.12 14.46
N GLU A 186 5.88 -0.57 14.93
CA GLU A 186 6.77 -0.04 15.98
C GLU A 186 8.21 0.14 15.49
N ALA A 187 8.42 -0.22 14.22
CA ALA A 187 9.63 0.09 13.47
C ALA A 187 9.36 -0.02 11.95
N VAL A 188 10.27 0.52 11.13
CA VAL A 188 10.18 0.34 9.67
C VAL A 188 11.39 -0.39 9.09
N GLN A 189 11.16 -1.12 7.98
CA GLN A 189 12.24 -1.75 7.22
C GLN A 189 12.34 -1.12 5.83
N VAL A 190 13.51 -0.58 5.52
CA VAL A 190 13.75 0.13 4.26
C VAL A 190 14.75 -0.63 3.38
N GLY A 191 14.36 -0.91 2.15
CA GLY A 191 15.22 -1.61 1.18
C GLY A 191 15.79 -0.74 0.07
N THR A 192 14.95 -0.41 -0.91
CA THR A 192 15.32 0.38 -2.11
C THR A 192 16.23 1.57 -1.87
N ARG A 193 15.85 2.46 -0.96
CA ARG A 193 16.64 3.66 -0.67
C ARG A 193 18.04 3.39 -0.14
N PHE A 194 18.19 2.33 0.65
CA PHE A 194 19.53 1.96 1.13
C PHE A 194 20.48 1.42 0.07
N VAL A 195 19.95 0.97 -1.07
CA VAL A 195 20.77 0.53 -2.22
C VAL A 195 21.64 1.68 -2.77
N VAL A 196 21.10 2.90 -2.80
CA VAL A 196 21.82 4.08 -3.33
C VAL A 196 22.68 4.83 -2.29
N ALA A 197 22.78 4.28 -1.08
CA ALA A 197 23.65 4.85 -0.04
C ALA A 197 25.10 4.95 -0.53
N LYS A 198 25.85 5.95 -0.05
CA LYS A 198 27.24 6.11 -0.46
C LYS A 198 28.08 4.87 -0.13
N GLU A 199 27.74 4.19 0.98
CA GLU A 199 28.48 3.00 1.45
C GLU A 199 28.02 1.70 0.80
N SER A 200 26.91 1.76 0.06
CA SER A 200 26.42 0.60 -0.67
C SER A 200 27.38 0.23 -1.78
N ASN A 201 27.64 -1.06 -1.92
CA ASN A 201 28.52 -1.57 -2.97
C ASN A 201 27.77 -2.02 -4.22
N ALA A 202 26.50 -1.58 -4.34
CA ALA A 202 25.74 -1.77 -5.58
C ALA A 202 26.39 -0.94 -6.69
N HIS A 203 26.42 -1.52 -7.89
CA HIS A 203 27.09 -0.88 -9.02
C HIS A 203 26.48 0.47 -9.34
N PRO A 204 27.32 1.50 -9.61
CA PRO A 204 26.88 2.82 -10.08
C PRO A 204 25.79 2.80 -11.17
N ASN A 205 25.82 1.80 -12.06
CA ASN A 205 24.77 1.61 -13.06
C ASN A 205 23.42 1.25 -12.39
N TYR A 206 23.46 0.40 -11.37
CA TYR A 206 22.29 -0.07 -10.63
C TYR A 206 21.67 1.07 -9.82
N LYS A 207 22.53 1.86 -9.17
CA LYS A 207 22.10 3.06 -8.43
C LYS A 207 21.52 4.10 -9.39
N GLU A 208 22.13 4.21 -10.57
CA GLU A 208 21.62 5.11 -11.60
C GLU A 208 20.21 4.78 -12.05
N LYS A 209 19.90 3.49 -12.23
CA LYS A 209 18.57 3.05 -12.68
C LYS A 209 17.47 3.29 -11.65
N ILE A 210 17.83 3.25 -10.37
CA ILE A 210 16.91 3.63 -9.31
C ILE A 210 16.67 5.14 -9.40
N LEU A 211 17.78 5.90 -9.42
CA LEU A 211 17.74 7.37 -9.35
C LEU A 211 16.95 8.02 -10.48
N LYS A 212 16.93 7.35 -11.64
CA LYS A 212 16.23 7.83 -12.83
C LYS A 212 14.86 7.20 -13.09
N ALA A 213 14.46 6.20 -12.29
CA ALA A 213 13.15 5.56 -12.50
C ALA A 213 11.97 6.48 -12.14
N ARG A 214 10.83 6.24 -12.80
CA ARG A 214 9.56 6.87 -12.44
C ARG A 214 8.69 5.89 -11.61
N ASP A 215 7.62 6.41 -11.03
CA ASP A 215 6.69 5.63 -10.19
C ASP A 215 6.23 4.33 -10.85
N ILE A 216 6.08 4.38 -12.18
CA ILE A 216 5.51 3.31 -13.01
C ILE A 216 6.53 2.38 -13.68
N ASP A 217 7.81 2.58 -13.41
CA ASP A 217 8.87 1.85 -14.10
C ASP A 217 9.22 0.46 -13.56
N THR A 218 8.47 -0.01 -12.57
CA THR A 218 8.64 -1.39 -12.11
C THR A 218 7.54 -2.29 -12.66
N THR A 219 7.80 -3.59 -12.63
CA THR A 219 6.87 -4.62 -13.08
C THR A 219 7.09 -5.88 -12.22
N ILE A 220 6.08 -6.75 -12.17
CA ILE A 220 6.19 -8.08 -11.53
C ILE A 220 6.54 -9.15 -12.58
N SER A 221 7.65 -9.84 -12.36
CA SER A 221 8.12 -10.88 -13.29
C SER A 221 8.06 -12.27 -12.66
N ALA A 222 7.98 -13.29 -13.51
CA ALA A 222 8.08 -14.70 -13.11
C ALA A 222 6.95 -15.18 -12.20
N GLN A 223 5.85 -14.44 -12.18
CA GLN A 223 4.70 -14.77 -11.34
C GLN A 223 3.96 -16.01 -11.84
N HIS A 227 9.07 -17.68 -9.11
CA HIS A 227 9.01 -16.78 -7.95
C HIS A 227 8.86 -15.32 -8.36
N ALA A 228 7.65 -14.79 -8.17
CA ALA A 228 7.34 -13.39 -8.49
C ALA A 228 8.33 -12.43 -7.85
N VAL A 229 8.98 -11.64 -8.69
CA VAL A 229 9.93 -10.63 -8.26
C VAL A 229 9.49 -9.28 -8.82
N ARG A 230 9.53 -8.23 -7.98
CA ARG A 230 9.40 -6.86 -8.49
C ARG A 230 10.77 -6.29 -8.84
N ALA A 231 10.87 -5.67 -10.01
CA ALA A 231 12.14 -5.18 -10.52
C ALA A 231 11.87 -4.05 -11.51
N ILE A 232 12.89 -3.24 -11.80
CA ILE A 232 12.77 -2.16 -12.79
C ILE A 232 12.81 -2.72 -14.21
N LYS A 233 11.85 -2.28 -15.03
CA LYS A 233 11.67 -2.78 -16.41
C LYS A 233 12.92 -2.62 -17.25
N ASN A 234 13.26 -3.67 -17.99
CA ASN A 234 14.40 -3.66 -18.92
C ASN A 234 14.32 -4.85 -19.89
N GLN A 235 15.43 -5.14 -20.59
CA GLN A 235 15.45 -6.23 -21.57
C GLN A 235 15.16 -7.60 -20.96
N LEU A 236 15.63 -7.83 -19.73
CA LEU A 236 15.36 -9.10 -19.05
C LEU A 236 13.88 -9.29 -18.73
N THR A 237 13.23 -8.28 -18.14
CA THR A 237 11.80 -8.35 -17.83
C THR A 237 10.96 -8.49 -19.10
N ARG A 238 11.34 -7.77 -20.15
CA ARG A 238 10.69 -7.90 -21.48
C ARG A 238 10.83 -9.31 -22.06
N ASP A 239 12.04 -9.85 -22.09
CA ASP A 239 12.31 -11.19 -22.59
C ASP A 239 11.68 -12.28 -21.70
N PHE A 240 11.64 -12.04 -20.40
CA PHE A 240 11.05 -12.99 -19.45
C PHE A 240 9.52 -13.02 -19.54
N GLU A 241 8.89 -11.86 -19.72
CA GLU A 241 7.45 -11.78 -19.86
C GLU A 241 6.98 -12.51 -21.11
N LEU A 242 7.74 -12.34 -22.20
CA LEU A 242 7.47 -12.96 -23.49
C LEU A 242 7.65 -14.48 -23.43
N ALA A 243 8.75 -14.91 -22.80
CA ALA A 243 9.04 -16.34 -22.63
C ALA A 243 7.93 -17.07 -21.87
N GLU A 244 7.31 -16.40 -20.91
CA GLU A 244 6.12 -16.91 -20.23
C GLU A 244 4.86 -16.83 -21.09
N LYS A 245 4.71 -15.72 -21.82
CA LYS A 245 3.51 -15.41 -22.60
C LYS A 245 3.01 -16.52 -23.54
N ASP A 246 3.93 -17.13 -24.29
CA ASP A 246 3.54 -18.18 -25.23
C ASP A 246 3.36 -19.56 -24.58
N ALA A 247 4.11 -19.80 -23.50
CA ALA A 247 4.08 -21.09 -22.81
C ALA A 247 2.79 -21.31 -22.03
N PHE A 258 13.94 -20.47 -18.99
CA PHE A 258 13.70 -19.58 -17.85
C PHE A 258 14.90 -19.57 -16.91
N GLU A 259 15.35 -20.77 -16.53
CA GLU A 259 16.55 -20.96 -15.71
C GLU A 259 17.80 -20.49 -16.44
N GLN A 260 17.73 -20.52 -17.77
CA GLN A 260 18.76 -19.96 -18.65
C GLN A 260 18.84 -18.43 -18.56
N MET A 261 17.68 -17.80 -18.34
CA MET A 261 17.60 -16.34 -18.16
C MET A 261 17.81 -15.92 -16.70
N GLY A 262 17.15 -16.63 -15.80
CA GLY A 262 17.11 -16.26 -14.38
C GLY A 262 18.40 -16.44 -13.61
N ALA A 263 19.20 -17.44 -14.00
CA ALA A 263 20.38 -17.83 -13.23
C ALA A 263 21.44 -16.75 -13.14
N GLY A 264 21.67 -16.27 -11.91
CA GLY A 264 22.66 -15.23 -11.65
C GLY A 264 22.26 -13.82 -12.05
N ALA A 265 21.01 -13.63 -12.48
CA ALA A 265 20.52 -12.31 -12.94
C ALA A 265 20.78 -11.15 -11.96
N LEU A 266 20.46 -11.34 -10.68
CA LEU A 266 20.71 -10.31 -9.67
C LEU A 266 22.20 -9.95 -9.51
N ALA A 267 23.06 -10.97 -9.45
CA ALA A 267 24.53 -10.77 -9.35
C ALA A 267 25.08 -9.91 -10.49
N LYS A 268 24.62 -10.17 -11.71
CA LYS A 268 25.00 -9.41 -12.92
C LYS A 268 24.70 -7.90 -12.82
N ALA A 269 23.57 -7.57 -12.21
CA ALA A 269 23.18 -6.18 -12.03
C ALA A 269 23.89 -5.53 -10.84
N VAL A 270 23.85 -6.16 -9.67
CA VAL A 270 24.42 -5.58 -8.43
C VAL A 270 25.94 -5.43 -8.50
N VAL A 271 26.62 -6.49 -8.95
CA VAL A 271 28.08 -6.57 -8.91
C VAL A 271 28.68 -5.90 -10.15
N HIS A 272 28.24 -6.38 -11.32
CA HIS A 272 28.83 -6.03 -12.61
C HIS A 272 28.19 -4.84 -13.31
N GLY A 273 26.97 -4.45 -12.89
CA GLY A 273 26.30 -3.29 -13.47
C GLY A 273 25.65 -3.54 -14.81
N ASP A 274 25.42 -4.81 -15.12
CA ASP A 274 24.62 -5.20 -16.26
C ASP A 274 23.15 -4.99 -15.89
N VAL A 275 22.67 -3.78 -16.15
CA VAL A 275 21.31 -3.33 -15.85
C VAL A 275 20.38 -3.41 -17.07
N ASP A 276 20.92 -3.97 -18.17
CA ASP A 276 20.14 -4.30 -19.36
C ASP A 276 19.59 -5.73 -19.24
N GLY A 277 20.49 -6.69 -18.99
CA GLY A 277 20.11 -8.11 -18.87
C GLY A 277 20.24 -8.76 -17.49
N GLY A 278 20.47 -7.96 -16.46
CA GLY A 278 20.42 -8.45 -15.08
C GLY A 278 19.13 -8.02 -14.42
N SER A 279 18.83 -8.60 -13.25
CA SER A 279 17.63 -8.27 -12.48
C SER A 279 17.81 -7.04 -11.55
N VAL A 280 17.25 -5.89 -11.94
CA VAL A 280 17.33 -4.68 -11.09
C VAL A 280 16.13 -4.58 -10.12
N MET A 281 16.08 -5.50 -9.14
CA MET A 281 15.08 -5.46 -8.09
C MET A 281 15.08 -4.10 -7.35
N ALA A 282 13.88 -3.55 -7.17
CA ALA A 282 13.64 -2.25 -6.56
C ALA A 282 12.14 -2.08 -6.48
N GLY A 283 11.69 -1.26 -5.54
CA GLY A 283 10.26 -1.07 -5.28
C GLY A 283 9.59 0.01 -6.11
N GLN A 284 8.27 0.03 -6.03
CA GLN A 284 7.47 1.10 -6.59
C GLN A 284 7.87 2.49 -6.06
N ILE A 285 8.48 2.56 -4.87
CA ILE A 285 9.00 3.84 -4.31
C ILE A 285 10.34 4.34 -4.93
N ALA A 286 10.80 3.70 -6.00
CA ALA A 286 12.05 4.09 -6.66
C ALA A 286 11.96 5.47 -7.34
N GLY A 287 10.77 5.80 -7.85
CA GLY A 287 10.49 7.12 -8.40
C GLY A 287 10.70 8.27 -7.42
N LEU A 288 10.71 7.96 -6.13
CA LEU A 288 10.95 8.98 -5.10
C LEU A 288 12.43 9.10 -4.72
N VAL A 289 13.23 8.10 -5.08
CA VAL A 289 14.64 8.11 -4.67
C VAL A 289 15.48 8.83 -5.75
N SER A 290 15.99 10.02 -5.40
CA SER A 290 16.54 10.95 -6.39
C SER A 290 17.99 11.41 -6.12
N LYS A 291 18.58 11.01 -5.00
CA LYS A 291 19.99 11.35 -4.71
C LYS A 291 20.76 10.27 -3.95
N GLU A 292 22.08 10.27 -4.17
CA GLU A 292 23.01 9.47 -3.37
C GLU A 292 23.35 10.20 -2.07
N GLU A 293 23.27 9.48 -0.95
CA GLU A 293 23.55 10.04 0.37
C GLU A 293 24.28 9.01 1.23
N THR A 294 24.88 9.46 2.32
CA THR A 294 25.46 8.53 3.29
C THR A 294 24.32 7.81 4.02
N ALA A 295 24.62 6.63 4.57
CA ALA A 295 23.63 5.84 5.31
C ALA A 295 23.04 6.61 6.47
N GLU A 296 23.90 7.40 7.13
CA GLU A 296 23.49 8.25 8.24
C GLU A 296 22.48 9.33 7.79
N GLU A 297 22.77 9.97 6.66
CA GLU A 297 21.90 11.01 6.09
C GLU A 297 20.52 10.47 5.76
N ILE A 298 20.48 9.22 5.27
CA ILE A 298 19.22 8.48 5.04
C ILE A 298 18.46 8.15 6.33
N LEU A 299 19.15 7.59 7.32
CA LEU A 299 18.55 7.29 8.62
C LEU A 299 18.00 8.54 9.31
N LYS A 300 18.74 9.65 9.25
CA LYS A 300 18.33 10.91 9.88
C LYS A 300 17.13 11.56 9.20
N ASP A 301 17.09 11.46 7.86
CA ASP A 301 15.96 11.96 7.08
C ASP A 301 14.68 11.21 7.43
N LEU A 302 14.78 9.88 7.41
CA LEU A 302 13.66 9.02 7.81
C LEU A 302 13.15 9.34 9.22
N TYR A 303 14.07 9.40 10.19
CA TYR A 303 13.69 9.58 11.61
C TYR A 303 13.10 10.98 11.91
N TYR A 304 13.88 12.01 11.63
CA TYR A 304 13.47 13.40 11.92
C TYR A 304 12.40 13.91 10.93
N GLY A 305 12.47 13.44 9.69
CA GLY A 305 11.39 13.67 8.73
C GLY A 305 10.06 13.23 9.33
N ALA A 306 10.02 11.98 9.83
CA ALA A 306 8.82 11.42 10.47
C ALA A 306 8.39 12.24 11.69
N ALA A 307 9.33 12.51 12.59
CA ALA A 307 9.09 13.38 13.76
C ALA A 307 8.39 14.69 13.38
N LYS A 308 8.96 15.42 12.42
CA LYS A 308 8.39 16.69 11.99
C LYS A 308 7.01 16.53 11.36
N LYS A 309 6.81 15.47 10.59
CA LYS A 309 5.51 15.21 9.99
C LYS A 309 4.43 14.85 11.03
N ILE A 310 4.80 14.01 12.00
CA ILE A 310 3.92 13.67 13.13
C ILE A 310 3.57 14.92 13.96
N GLN A 311 4.59 15.70 14.33
CA GLN A 311 4.44 16.96 15.05
C GLN A 311 3.57 17.99 14.29
N GLU A 312 3.83 18.16 13.01
CA GLU A 312 3.02 19.04 12.14
C GLU A 312 1.54 18.67 12.11
N GLU A 313 1.25 17.38 11.93
CA GLU A 313 -0.13 16.92 11.83
C GLU A 313 -0.89 16.96 13.16
N ALA A 314 -0.15 16.89 14.27
CA ALA A 314 -0.78 16.90 15.60
C ALA A 314 -1.25 18.31 16.01
N SER A 315 -0.53 19.34 15.56
CA SER A 315 -0.95 20.74 15.74
C SER A 315 -2.14 21.06 14.85
N ARG A 316 -2.20 20.40 13.71
CA ARG A 316 -3.30 20.51 12.75
C ARG A 316 -4.57 19.89 13.36
N TRP A 317 -4.41 18.74 14.01
CA TRP A 317 -5.54 17.98 14.56
C TRP A 317 -5.91 18.31 16.03
N THR A 318 -5.12 19.17 16.69
CA THR A 318 -5.35 19.54 18.10
C THR A 318 -6.76 20.04 18.42
N GLY A 319 -7.37 19.44 19.44
CA GLY A 319 -8.72 19.81 19.88
C GLY A 319 -9.79 18.85 19.40
N VAL A 320 -9.39 17.89 18.57
CA VAL A 320 -10.32 16.89 18.02
C VAL A 320 -10.34 15.63 18.89
N MET B 1 -11.17 21.52 13.12
CA MET B 1 -9.99 21.31 12.23
C MET B 1 -10.36 21.57 10.77
N LYS B 2 -9.38 22.00 9.99
CA LYS B 2 -9.59 22.31 8.59
C LYS B 2 -8.44 21.81 7.69
N THR B 3 -8.82 21.29 6.53
CA THR B 3 -7.88 21.00 5.44
C THR B 3 -8.42 21.73 4.21
N ARG B 4 -7.58 21.93 3.20
CA ARG B 4 -8.02 22.56 1.96
C ARG B 4 -9.23 21.88 1.32
N ILE B 5 -9.50 20.63 1.70
CA ILE B 5 -10.63 19.88 1.14
C ILE B 5 -11.94 20.20 1.87
N THR B 6 -11.89 20.32 3.19
CA THR B 6 -13.04 20.76 3.97
C THR B 6 -13.47 22.18 3.57
N GLU B 7 -12.48 23.03 3.27
CA GLU B 7 -12.74 24.39 2.82
C GLU B 7 -13.33 24.43 1.40
N LEU B 8 -12.74 23.64 0.49
CA LEU B 8 -13.15 23.64 -0.92
C LEU B 8 -14.59 23.16 -1.08
N LEU B 9 -14.97 22.13 -0.33
CA LEU B 9 -16.26 21.49 -0.49
C LEU B 9 -17.31 21.91 0.55
N LYS B 10 -16.85 22.60 1.60
CA LYS B 10 -17.70 23.08 2.71
C LYS B 10 -18.33 21.91 3.48
N ILE B 11 -17.48 21.00 3.93
CA ILE B 11 -17.89 19.80 4.66
C ILE B 11 -17.18 19.67 6.01
N ASP B 12 -17.80 18.93 6.93
CA ASP B 12 -17.31 18.78 8.32
C ASP B 12 -16.05 17.91 8.44
N TYR B 13 -16.06 16.79 7.72
CA TYR B 13 -14.99 15.79 7.83
C TYR B 13 -14.26 15.62 6.51
N PRO B 14 -12.92 15.51 6.55
CA PRO B 14 -12.12 15.26 5.33
C PRO B 14 -12.25 13.80 4.85
N ILE B 15 -13.49 13.34 4.71
CA ILE B 15 -13.78 11.97 4.31
C ILE B 15 -14.78 11.92 3.16
N PHE B 16 -14.44 11.17 2.11
CA PHE B 16 -15.37 10.85 1.04
C PHE B 16 -15.86 9.42 1.21
N GLN B 17 -17.14 9.19 0.87
CA GLN B 17 -17.63 7.86 0.57
C GLN B 17 -17.52 7.73 -0.95
N GLY B 18 -16.62 6.88 -1.40
CA GLY B 18 -16.32 6.77 -2.83
C GLY B 18 -17.50 6.32 -3.66
N GLY B 19 -17.70 6.99 -4.79
CA GLY B 19 -18.69 6.57 -5.78
C GLY B 19 -18.47 5.15 -6.23
N MET B 20 -19.53 4.34 -6.13
CA MET B 20 -19.47 2.93 -6.49
C MET B 20 -20.63 2.61 -7.43
N ALA B 21 -20.35 1.76 -8.44
CA ALA B 21 -21.41 1.27 -9.33
C ALA B 21 -22.37 0.38 -8.52
N TRP B 22 -23.67 0.68 -8.65
CA TRP B 22 -24.75 -0.03 -7.97
C TRP B 22 -24.92 0.23 -6.47
N VAL B 23 -23.83 0.18 -5.70
CA VAL B 23 -23.87 0.41 -4.25
C VAL B 23 -24.26 1.87 -3.88
N ALA B 24 -23.67 2.83 -4.58
CA ALA B 24 -23.79 4.24 -4.21
C ALA B 24 -25.03 4.92 -4.76
N ASP B 25 -26.19 4.47 -4.30
CA ASP B 25 -27.44 5.19 -4.58
C ASP B 25 -27.62 6.41 -3.69
N GLY B 26 -28.76 7.09 -3.85
CA GLY B 26 -29.06 8.30 -3.07
C GLY B 26 -29.24 8.05 -1.60
N ASP B 27 -29.53 6.80 -1.23
CA ASP B 27 -29.69 6.39 0.16
C ASP B 27 -28.35 6.39 0.90
N LEU B 28 -27.39 5.61 0.40
CA LEU B 28 -26.04 5.61 0.96
C LEU B 28 -25.42 7.00 0.96
N ALA B 29 -25.34 7.60 -0.23
CA ALA B 29 -24.80 8.96 -0.40
C ALA B 29 -25.45 9.97 0.55
N GLY B 30 -26.77 9.89 0.68
CA GLY B 30 -27.56 10.81 1.50
C GLY B 30 -27.21 10.75 2.97
N ALA B 31 -27.08 9.52 3.49
CA ALA B 31 -26.68 9.25 4.88
C ALA B 31 -25.26 9.74 5.24
N VAL B 32 -24.32 9.60 4.30
CA VAL B 32 -22.95 10.12 4.47
C VAL B 32 -22.90 11.65 4.49
N SER B 33 -23.40 12.28 3.44
CA SER B 33 -23.52 13.75 3.38
C SER B 33 -24.20 14.35 4.62
N LYS B 34 -25.29 13.70 5.06
CA LYS B 34 -26.08 14.10 6.22
C LYS B 34 -25.22 14.16 7.50
N ALA B 35 -24.42 13.12 7.75
CA ALA B 35 -23.55 13.03 8.92
C ALA B 35 -22.28 13.90 8.87
N GLY B 36 -21.95 14.44 7.69
CA GLY B 36 -20.86 15.40 7.60
C GLY B 36 -19.68 15.09 6.68
N GLY B 37 -19.74 13.96 5.98
CA GLY B 37 -18.75 13.67 4.93
C GLY B 37 -19.22 14.09 3.54
N LEU B 38 -18.46 13.72 2.52
CA LEU B 38 -18.98 13.86 1.17
C LEU B 38 -19.54 12.51 0.69
N GLY B 39 -20.87 12.44 0.63
CA GLY B 39 -21.56 11.36 -0.04
C GLY B 39 -21.49 11.56 -1.53
N ILE B 40 -21.26 10.47 -2.26
CA ILE B 40 -21.02 10.53 -3.71
C ILE B 40 -21.90 9.52 -4.41
N ILE B 41 -22.65 9.99 -5.40
CA ILE B 41 -23.52 9.12 -6.18
C ILE B 41 -22.75 8.50 -7.33
N GLY B 42 -22.72 7.17 -7.38
CA GLY B 42 -22.03 6.47 -8.45
C GLY B 42 -22.85 6.39 -9.74
N GLY B 43 -22.42 7.13 -10.76
CA GLY B 43 -22.99 7.00 -12.10
C GLY B 43 -22.95 5.58 -12.64
N GLY B 44 -21.80 4.90 -12.50
CA GLY B 44 -21.65 3.51 -12.95
C GLY B 44 -21.91 3.35 -14.44
N ASN B 45 -22.61 2.28 -14.83
CA ASN B 45 -23.11 2.12 -16.20
C ASN B 45 -24.62 2.42 -16.29
N ALA B 46 -25.12 3.24 -15.38
CA ALA B 46 -26.57 3.49 -15.31
C ALA B 46 -27.06 4.50 -16.35
N PRO B 47 -28.29 4.30 -16.88
CA PRO B 47 -28.87 5.33 -17.74
C PRO B 47 -29.14 6.62 -16.98
N LYS B 48 -29.29 7.70 -17.73
CA LYS B 48 -29.53 9.04 -17.19
C LYS B 48 -30.68 9.08 -16.17
N GLU B 49 -31.81 8.45 -16.51
CA GLU B 49 -33.00 8.50 -15.64
C GLU B 49 -32.86 7.71 -14.31
N VAL B 50 -32.00 6.70 -14.31
CA VAL B 50 -31.71 5.97 -13.08
C VAL B 50 -30.83 6.83 -12.17
N VAL B 51 -29.78 7.46 -12.73
CA VAL B 51 -28.88 8.32 -11.95
C VAL B 51 -29.64 9.55 -11.44
N LYS B 52 -30.59 10.06 -12.23
CA LYS B 52 -31.41 11.21 -11.87
C LYS B 52 -32.30 10.93 -10.65
N ALA B 53 -32.96 9.77 -10.63
CA ALA B 53 -33.76 9.37 -9.47
C ALA B 53 -32.93 9.43 -8.17
N ASN B 54 -31.64 9.12 -8.29
CA ASN B 54 -30.73 9.14 -7.15
C ASN B 54 -30.44 10.55 -6.66
N ILE B 55 -30.14 11.45 -7.60
CA ILE B 55 -29.93 12.87 -7.33
C ILE B 55 -31.19 13.51 -6.69
N ASP B 56 -32.37 13.13 -7.18
CA ASP B 56 -33.63 13.51 -6.54
C ASP B 56 -33.74 12.90 -5.15
N LYS B 57 -33.42 11.62 -5.03
CA LYS B 57 -33.46 10.97 -3.71
C LYS B 57 -32.63 11.77 -2.69
N ILE B 58 -31.38 12.08 -3.03
CA ILE B 58 -30.46 12.72 -2.06
C ILE B 58 -30.89 14.12 -1.62
N LYS B 59 -31.32 14.95 -2.57
CA LYS B 59 -31.78 16.30 -2.29
C LYS B 59 -32.97 16.32 -1.33
N SER B 60 -33.88 15.35 -1.49
CA SER B 60 -35.02 15.21 -0.57
C SER B 60 -34.60 14.70 0.81
N LEU B 61 -33.36 14.26 0.95
CA LEU B 61 -32.88 13.73 2.24
C LEU B 61 -32.02 14.71 3.03
N THR B 62 -31.36 15.64 2.32
CA THR B 62 -30.43 16.59 2.94
C THR B 62 -30.05 17.74 1.99
N ASP B 63 -29.61 18.86 2.57
CA ASP B 63 -29.15 20.02 1.80
C ASP B 63 -27.62 20.11 1.77
N LYS B 64 -26.98 19.26 2.57
CA LYS B 64 -25.52 19.17 2.66
C LYS B 64 -24.87 18.89 1.30
N PRO B 65 -23.60 19.29 1.12
CA PRO B 65 -22.89 19.03 -0.14
C PRO B 65 -22.85 17.53 -0.53
N PHE B 66 -22.81 17.25 -1.84
CA PHE B 66 -22.62 15.89 -2.37
C PHE B 66 -21.91 15.86 -3.73
N GLY B 67 -21.26 14.74 -4.03
CA GLY B 67 -20.60 14.55 -5.32
C GLY B 67 -21.38 13.61 -6.21
N VAL B 68 -21.05 13.60 -7.50
CA VAL B 68 -21.52 12.56 -8.41
C VAL B 68 -20.34 12.00 -9.17
N ASN B 69 -20.21 10.67 -9.17
CA ASN B 69 -19.14 10.01 -9.88
C ASN B 69 -19.51 9.67 -11.32
N ILE B 70 -18.63 10.06 -12.22
CA ILE B 70 -18.78 9.76 -13.64
C ILE B 70 -17.70 8.74 -14.01
N MET B 71 -18.16 7.52 -14.27
CA MET B 71 -17.31 6.41 -14.62
C MET B 71 -17.20 6.46 -16.15
N LEU B 72 -15.99 6.74 -16.64
CA LEU B 72 -15.78 7.15 -18.04
C LEU B 72 -15.85 6.01 -19.09
N LEU B 73 -16.09 4.78 -18.65
CA LEU B 73 -16.27 3.64 -19.54
C LEU B 73 -17.77 3.35 -19.76
N SER B 74 -18.63 4.18 -19.16
CA SER B 74 -20.06 3.98 -19.28
C SER B 74 -20.54 4.22 -20.72
N PRO B 75 -21.50 3.40 -21.20
CA PRO B 75 -22.11 3.72 -22.50
C PRO B 75 -22.90 5.03 -22.51
N PHE B 76 -23.33 5.48 -21.33
CA PHE B 76 -24.18 6.68 -21.20
C PHE B 76 -23.42 7.88 -20.64
N VAL B 77 -22.10 7.87 -20.79
CA VAL B 77 -21.21 8.91 -20.27
C VAL B 77 -21.63 10.33 -20.66
N GLU B 78 -21.94 10.54 -21.94
CA GLU B 78 -22.33 11.87 -22.43
C GLU B 78 -23.66 12.35 -21.84
N ASP B 79 -24.59 11.43 -21.60
CA ASP B 79 -25.87 11.71 -20.90
C ASP B 79 -25.68 12.14 -19.44
N ILE B 80 -24.68 11.56 -18.77
CA ILE B 80 -24.43 11.85 -17.36
C ILE B 80 -23.65 13.14 -17.18
N VAL B 81 -22.76 13.44 -18.14
CA VAL B 81 -22.18 14.78 -18.23
C VAL B 81 -23.28 15.87 -18.29
N ASP B 82 -24.25 15.72 -19.19
CA ASP B 82 -25.42 16.63 -19.29
C ASP B 82 -26.13 16.73 -17.96
N LEU B 83 -26.30 15.58 -17.31
CA LEU B 83 -27.14 15.44 -16.13
C LEU B 83 -26.60 16.19 -14.91
N VAL B 84 -25.30 16.05 -14.64
CA VAL B 84 -24.72 16.66 -13.44
C VAL B 84 -24.82 18.17 -13.54
N ILE B 85 -24.60 18.66 -14.75
CA ILE B 85 -24.75 20.07 -15.11
C ILE B 85 -26.20 20.56 -15.02
N GLU B 86 -27.12 19.77 -15.59
CA GLU B 86 -28.55 20.07 -15.60
C GLU B 86 -29.13 20.09 -14.18
N GLU B 87 -28.73 19.14 -13.35
CA GLU B 87 -29.29 19.01 -11.98
C GLU B 87 -28.63 19.95 -10.94
N GLY B 88 -27.54 20.61 -11.32
CA GLY B 88 -26.89 21.58 -10.44
C GLY B 88 -25.90 20.99 -9.45
N VAL B 89 -25.22 19.92 -9.85
CA VAL B 89 -24.25 19.24 -8.97
C VAL B 89 -22.99 20.06 -8.89
N LYS B 90 -22.47 20.22 -7.67
CA LYS B 90 -21.33 21.11 -7.41
C LYS B 90 -19.97 20.38 -7.45
N VAL B 91 -19.97 19.09 -7.14
CA VAL B 91 -18.75 18.28 -7.11
C VAL B 91 -18.87 17.09 -8.05
N VAL B 92 -17.83 16.85 -8.86
CA VAL B 92 -17.78 15.66 -9.71
C VAL B 92 -16.48 14.89 -9.48
N THR B 93 -16.58 13.62 -9.12
CA THR B 93 -15.42 12.73 -9.26
C THR B 93 -15.55 11.93 -10.56
N THR B 94 -14.41 11.52 -11.12
CA THR B 94 -14.40 10.71 -12.34
C THR B 94 -13.46 9.53 -12.13
N GLY B 95 -13.82 8.38 -12.70
CA GLY B 95 -12.99 7.20 -12.59
C GLY B 95 -12.95 6.37 -13.84
N ALA B 96 -11.93 5.53 -13.93
CA ALA B 96 -11.76 4.57 -15.03
C ALA B 96 -11.52 5.21 -16.43
N GLY B 97 -10.78 6.31 -16.49
CA GLY B 97 -10.40 6.90 -17.78
C GLY B 97 -9.93 8.34 -17.68
N ASN B 98 -9.60 8.93 -18.82
CA ASN B 98 -9.22 10.36 -18.89
C ASN B 98 -10.45 11.28 -19.05
N PRO B 99 -10.69 12.19 -18.08
CA PRO B 99 -11.85 13.10 -18.18
C PRO B 99 -11.55 14.43 -18.93
N SER B 100 -10.34 14.57 -19.45
CA SER B 100 -9.85 15.79 -20.09
C SER B 100 -10.86 16.52 -21.02
N LYS B 101 -11.54 15.75 -21.89
CA LYS B 101 -12.47 16.30 -22.88
C LYS B 101 -13.67 17.02 -22.26
N TYR B 102 -13.92 16.78 -20.97
CA TYR B 102 -15.05 17.38 -20.24
C TYR B 102 -14.68 18.52 -19.27
N MET B 103 -13.38 18.71 -19.06
CA MET B 103 -12.85 19.68 -18.07
C MET B 103 -13.29 21.13 -18.26
N GLU B 104 -13.25 21.65 -19.49
CA GLU B 104 -13.61 23.04 -19.74
C GLU B 104 -15.12 23.26 -19.58
N ARG B 105 -15.90 22.28 -20.06
CA ARG B 105 -17.35 22.29 -19.91
C ARG B 105 -17.78 22.27 -18.44
N PHE B 106 -17.14 21.43 -17.62
CA PHE B 106 -17.37 21.41 -16.17
C PHE B 106 -17.06 22.75 -15.50
N HIS B 107 -15.89 23.31 -15.79
CA HIS B 107 -15.47 24.57 -15.19
C HIS B 107 -16.29 25.79 -15.61
N GLU B 108 -16.71 25.82 -16.88
CA GLU B 108 -17.64 26.86 -17.33
C GLU B 108 -18.97 26.74 -16.61
N ALA B 109 -19.30 25.53 -16.15
CA ALA B 109 -20.54 25.30 -15.41
C ALA B 109 -20.38 25.56 -13.91
N GLY B 110 -19.22 26.05 -13.49
CA GLY B 110 -18.89 26.26 -12.06
C GLY B 110 -18.72 25.01 -11.21
N ILE B 111 -18.51 23.87 -11.87
CA ILE B 111 -18.36 22.57 -11.17
C ILE B 111 -16.91 22.32 -10.69
N ILE B 112 -16.79 21.71 -9.52
CA ILE B 112 -15.48 21.33 -8.94
C ILE B 112 -15.11 19.92 -9.41
N VAL B 113 -13.99 19.79 -10.12
CA VAL B 113 -13.59 18.49 -10.70
C VAL B 113 -12.40 17.80 -10.00
N ILE B 114 -12.65 16.58 -9.52
CA ILE B 114 -11.65 15.80 -8.83
C ILE B 114 -11.47 14.40 -9.47
N PRO B 115 -10.62 14.28 -10.51
CA PRO B 115 -10.37 13.00 -11.18
C PRO B 115 -9.64 11.97 -10.30
N VAL B 116 -9.83 10.69 -10.61
CA VAL B 116 -9.02 9.63 -10.00
C VAL B 116 -7.77 9.46 -10.88
N VAL B 117 -6.60 9.48 -10.25
CA VAL B 117 -5.33 9.27 -10.99
C VAL B 117 -4.59 8.02 -10.52
N PRO B 118 -4.09 7.22 -11.48
CA PRO B 118 -3.31 6.03 -11.20
C PRO B 118 -1.79 6.22 -11.33
N SER B 119 -1.33 7.42 -11.68
CA SER B 119 0.12 7.71 -11.87
C SER B 119 0.47 9.18 -11.63
N VAL B 120 1.77 9.45 -11.47
CA VAL B 120 2.27 10.83 -11.32
C VAL B 120 2.12 11.68 -12.61
N ALA B 121 2.31 11.04 -13.76
CA ALA B 121 2.19 11.70 -15.06
C ALA B 121 0.76 12.21 -15.33
N LEU B 122 -0.24 11.39 -14.98
CA LEU B 122 -1.64 11.79 -15.15
C LEU B 122 -2.08 12.79 -14.10
N ALA B 123 -1.52 12.69 -12.90
CA ALA B 123 -1.75 13.65 -11.81
C ALA B 123 -1.36 15.06 -12.19
N LYS B 124 -0.18 15.18 -12.81
CA LYS B 124 0.41 16.44 -13.25
C LYS B 124 -0.35 17.07 -14.43
N ARG B 125 -0.64 16.25 -15.44
CA ARG B 125 -1.53 16.63 -16.55
C ARG B 125 -2.88 17.20 -16.05
N MET B 126 -3.51 16.51 -15.11
CA MET B 126 -4.77 17.01 -14.53
C MET B 126 -4.57 18.37 -13.87
N GLU B 127 -3.48 18.54 -13.13
CA GLU B 127 -3.18 19.84 -12.50
C GLU B 127 -3.03 20.97 -13.52
N LYS B 128 -2.25 20.73 -14.59
CA LYS B 128 -2.01 21.76 -15.62
C LYS B 128 -3.25 22.11 -16.45
N ILE B 129 -4.26 21.22 -16.48
CA ILE B 129 -5.50 21.51 -17.20
C ILE B 129 -6.63 22.07 -16.32
N GLY B 130 -6.33 22.40 -15.08
CA GLY B 130 -7.29 23.06 -14.19
C GLY B 130 -7.95 22.25 -13.08
N ALA B 131 -7.75 20.93 -13.06
CA ALA B 131 -8.34 20.09 -12.01
C ALA B 131 -8.11 20.69 -10.61
N ASP B 132 -9.18 20.69 -9.81
CA ASP B 132 -9.19 21.31 -8.49
C ASP B 132 -8.55 20.42 -7.45
N ALA B 133 -8.51 19.12 -7.74
CA ALA B 133 -7.88 18.14 -6.86
C ALA B 133 -7.85 16.81 -7.59
N VAL B 134 -7.16 15.84 -6.98
CA VAL B 134 -7.08 14.50 -7.54
C VAL B 134 -7.22 13.45 -6.43
N ILE B 135 -7.61 12.25 -6.84
CA ILE B 135 -7.72 11.10 -5.94
C ILE B 135 -6.72 10.02 -6.40
N ALA B 136 -5.81 9.65 -5.50
CA ALA B 136 -4.86 8.59 -5.80
C ALA B 136 -5.39 7.27 -5.27
N GLU B 137 -5.82 6.39 -6.19
CA GLU B 137 -6.37 5.10 -5.81
C GLU B 137 -5.36 3.95 -5.95
N GLY B 138 -5.02 3.34 -4.81
CA GLY B 138 -4.19 2.15 -4.79
C GLY B 138 -4.85 0.89 -5.33
N MET B 139 -4.02 0.00 -5.86
CA MET B 139 -4.45 -1.31 -6.37
C MET B 139 -5.15 -2.23 -5.35
N GLU B 140 -4.97 -1.97 -4.05
CA GLU B 140 -5.65 -2.72 -2.98
C GLU B 140 -7.16 -2.46 -2.90
N ALA B 141 -7.62 -1.42 -3.58
CA ALA B 141 -9.03 -1.05 -3.61
C ALA B 141 -9.95 -2.12 -4.21
N GLY B 142 -11.25 -2.04 -3.89
CA GLY B 142 -12.25 -2.85 -4.56
C GLY B 142 -12.48 -2.29 -5.96
N GLY B 143 -12.98 -3.13 -6.86
CA GLY B 143 -13.28 -2.71 -8.23
C GLY B 143 -12.12 -2.63 -9.20
N HIS B 144 -12.28 -1.78 -10.21
CA HIS B 144 -11.36 -1.63 -11.33
C HIS B 144 -10.06 -0.91 -10.92
N ILE B 145 -8.97 -1.68 -10.83
CA ILE B 145 -7.73 -1.17 -10.21
C ILE B 145 -6.57 -0.87 -11.16
N GLY B 146 -5.69 0.02 -10.72
CA GLY B 146 -4.41 0.25 -11.37
C GLY B 146 -3.36 -0.68 -10.82
N LYS B 147 -2.10 -0.25 -10.85
CA LYS B 147 -0.96 -1.11 -10.50
C LYS B 147 -0.24 -0.68 -9.22
N LEU B 148 -0.13 0.62 -9.03
CA LEU B 148 0.55 1.18 -7.85
C LEU B 148 -0.30 1.09 -6.60
N THR B 149 0.36 0.82 -5.47
CA THR B 149 -0.30 0.82 -4.16
C THR B 149 -0.54 2.23 -3.59
N THR B 150 -1.39 2.32 -2.58
CA THR B 150 -1.66 3.58 -1.86
C THR B 150 -0.39 4.15 -1.20
N MET B 151 0.38 3.32 -0.50
CA MET B 151 1.65 3.78 0.07
C MET B 151 2.49 4.58 -0.92
N THR B 152 2.69 4.04 -2.11
CA THR B 152 3.65 4.62 -3.06
C THR B 152 3.04 5.70 -3.95
N LEU B 153 1.78 5.51 -4.34
CA LEU B 153 1.10 6.45 -5.23
C LEU B 153 0.74 7.77 -4.53
N VAL B 154 0.11 7.68 -3.36
CA VAL B 154 -0.25 8.88 -2.62
C VAL B 154 0.98 9.76 -2.36
N ARG B 155 2.05 9.19 -1.80
CA ARG B 155 3.27 9.95 -1.53
C ARG B 155 3.88 10.63 -2.76
N GLN B 156 3.94 9.91 -3.89
CA GLN B 156 4.56 10.41 -5.11
C GLN B 156 3.68 11.40 -5.86
N VAL B 157 2.38 11.19 -5.81
CA VAL B 157 1.42 12.18 -6.29
C VAL B 157 1.47 13.44 -5.42
N ALA B 158 1.34 13.30 -4.11
CA ALA B 158 1.40 14.48 -3.22
C ALA B 158 2.64 15.32 -3.45
N THR B 159 3.79 14.67 -3.64
CA THR B 159 5.05 15.38 -3.89
C THR B 159 5.07 16.08 -5.26
N ALA B 160 4.48 15.45 -6.29
CA ALA B 160 4.57 16.00 -7.64
C ALA B 160 3.70 17.24 -7.86
N ILE B 161 2.50 17.27 -7.27
CA ILE B 161 1.54 18.37 -7.50
C ILE B 161 1.28 19.31 -6.31
N SER B 162 0.89 20.55 -6.61
CA SER B 162 0.51 21.54 -5.60
C SER B 162 -0.99 21.53 -5.21
N ILE B 163 -1.84 21.01 -6.10
CA ILE B 163 -3.25 20.76 -5.78
C ILE B 163 -3.43 19.66 -4.71
N PRO B 164 -4.54 19.71 -3.94
CA PRO B 164 -4.78 18.77 -2.84
C PRO B 164 -5.00 17.35 -3.33
N VAL B 165 -4.42 16.39 -2.59
CA VAL B 165 -4.58 14.98 -2.91
C VAL B 165 -5.50 14.29 -1.89
N ILE B 166 -6.16 13.24 -2.36
CA ILE B 166 -7.08 12.44 -1.56
C ILE B 166 -6.65 10.99 -1.70
N ALA B 167 -6.42 10.31 -0.57
CA ALA B 167 -5.99 8.91 -0.56
C ALA B 167 -7.18 8.00 -0.63
N ALA B 168 -7.11 7.02 -1.53
CA ALA B 168 -8.14 6.01 -1.68
C ALA B 168 -7.52 4.64 -1.79
N GLY B 169 -8.10 3.65 -1.12
CA GLY B 169 -7.66 2.27 -1.24
C GLY B 169 -7.01 1.74 0.03
N GLY B 170 -7.71 0.84 0.71
CA GLY B 170 -7.15 0.19 1.89
C GLY B 170 -7.37 0.88 3.22
N ILE B 171 -8.27 1.88 3.27
CA ILE B 171 -8.59 2.56 4.52
C ILE B 171 -9.95 2.11 5.09
N ALA B 172 -9.93 1.56 6.31
CA ALA B 172 -11.16 1.07 6.98
C ALA B 172 -11.27 1.42 8.47
N ASP B 173 -10.33 2.20 8.99
CA ASP B 173 -10.38 2.68 10.39
C ASP B 173 -9.55 3.93 10.56
N GLY B 174 -9.43 4.44 11.78
CA GLY B 174 -8.67 5.67 12.03
C GLY B 174 -7.19 5.58 11.77
N GLU B 175 -6.57 4.47 12.19
CA GLU B 175 -5.14 4.25 11.95
C GLU B 175 -4.83 4.28 10.44
N GLY B 176 -5.64 3.57 9.66
CA GLY B 176 -5.52 3.60 8.21
C GLY B 176 -5.75 4.98 7.61
N ALA B 177 -6.72 5.70 8.15
CA ALA B 177 -7.03 7.03 7.64
C ALA B 177 -5.92 8.01 7.95
N ALA B 178 -5.43 7.98 9.20
CA ALA B 178 -4.30 8.84 9.64
C ALA B 178 -3.02 8.60 8.86
N ALA B 179 -2.74 7.34 8.52
CA ALA B 179 -1.62 6.99 7.63
C ALA B 179 -1.72 7.76 6.31
N GLY B 180 -2.93 7.84 5.77
CA GLY B 180 -3.22 8.59 4.54
C GLY B 180 -2.85 10.05 4.61
N PHE B 181 -3.10 10.67 5.76
CA PHE B 181 -2.66 12.04 6.03
C PHE B 181 -1.15 12.20 6.11
N MET B 182 -0.45 11.20 6.65
CA MET B 182 1.02 11.25 6.73
C MET B 182 1.68 11.18 5.35
N LEU B 183 1.11 10.35 4.47
CA LEU B 183 1.58 10.20 3.10
C LEU B 183 1.41 11.48 2.26
N GLY B 184 0.81 12.51 2.86
CA GLY B 184 0.67 13.84 2.24
C GLY B 184 -0.72 14.23 1.78
N ALA B 185 -1.71 13.38 2.02
CA ALA B 185 -3.09 13.69 1.63
C ALA B 185 -3.80 14.61 2.64
N GLU B 186 -4.90 15.21 2.18
CA GLU B 186 -5.68 16.17 2.98
C GLU B 186 -7.13 15.71 3.12
N ALA B 187 -7.39 14.51 2.58
CA ALA B 187 -8.67 13.82 2.69
C ALA B 187 -8.51 12.32 2.37
N VAL B 188 -9.41 11.50 2.91
CA VAL B 188 -9.50 10.07 2.55
C VAL B 188 -10.78 9.71 1.78
N GLN B 189 -10.67 8.69 0.92
CA GLN B 189 -11.82 8.11 0.21
C GLN B 189 -11.96 6.63 0.56
N VAL B 190 -13.13 6.26 1.07
CA VAL B 190 -13.44 4.92 1.58
C VAL B 190 -14.59 4.27 0.78
N GLY B 191 -14.35 3.02 0.36
CA GLY B 191 -15.27 2.26 -0.47
C GLY B 191 -15.83 1.01 0.23
N THR B 192 -15.04 -0.06 0.29
CA THR B 192 -15.45 -1.33 0.93
C THR B 192 -16.24 -1.22 2.26
N ARG B 193 -15.75 -0.39 3.18
CA ARG B 193 -16.41 -0.28 4.48
C ARG B 193 -17.81 0.32 4.40
N PHE B 194 -17.99 1.37 3.60
CA PHE B 194 -19.32 1.94 3.42
C PHE B 194 -20.34 0.96 2.82
N VAL B 195 -19.88 -0.08 2.11
CA VAL B 195 -20.80 -1.12 1.57
C VAL B 195 -21.63 -1.84 2.65
N VAL B 196 -21.04 -2.03 3.84
CA VAL B 196 -21.71 -2.73 4.96
C VAL B 196 -22.56 -1.80 5.83
N ALA B 197 -22.51 -0.50 5.53
CA ALA B 197 -23.30 0.52 6.26
C ALA B 197 -24.78 0.15 6.31
N LYS B 198 -25.47 0.61 7.36
CA LYS B 198 -26.89 0.27 7.53
C LYS B 198 -27.74 0.82 6.39
N GLU B 199 -27.36 2.01 5.89
CA GLU B 199 -28.13 2.69 4.85
C GLU B 199 -27.81 2.18 3.45
N SER B 200 -26.75 1.37 3.35
CA SER B 200 -26.36 0.78 2.07
C SER B 200 -27.43 -0.22 1.64
N ASN B 201 -27.71 -0.26 0.35
CA ASN B 201 -28.74 -1.12 -0.22
C ASN B 201 -28.17 -2.38 -0.87
N ALA B 202 -26.85 -2.57 -0.76
CA ALA B 202 -26.22 -3.84 -1.10
C ALA B 202 -26.91 -4.97 -0.35
N HIS B 203 -27.21 -6.06 -1.08
CA HIS B 203 -27.93 -7.24 -0.55
C HIS B 203 -27.25 -7.79 0.72
N PRO B 204 -28.04 -8.25 1.71
CA PRO B 204 -27.50 -8.94 2.89
C PRO B 204 -26.43 -10.00 2.60
N ASN B 205 -26.54 -10.71 1.48
CA ASN B 205 -25.57 -11.73 1.06
C ASN B 205 -24.23 -11.12 0.69
N TYR B 206 -24.24 -9.96 0.03
CA TYR B 206 -23.05 -9.21 -0.35
C TYR B 206 -22.37 -8.64 0.91
N LYS B 207 -23.15 -8.07 1.83
CA LYS B 207 -22.60 -7.58 3.10
C LYS B 207 -21.97 -8.72 3.92
N GLU B 208 -22.68 -9.84 4.05
CA GLU B 208 -22.15 -11.00 4.78
C GLU B 208 -20.90 -11.64 4.14
N LYS B 209 -20.78 -11.55 2.81
CA LYS B 209 -19.53 -11.93 2.13
C LYS B 209 -18.33 -11.11 2.60
N ILE B 210 -18.51 -9.80 2.68
CA ILE B 210 -17.47 -8.88 3.13
C ILE B 210 -17.10 -9.15 4.59
N LEU B 211 -18.14 -9.35 5.41
CA LEU B 211 -18.00 -9.50 6.86
C LEU B 211 -17.22 -10.75 7.27
N LYS B 212 -17.36 -11.81 6.49
CA LYS B 212 -16.73 -13.10 6.79
C LYS B 212 -15.33 -13.23 6.18
N ALA B 213 -15.01 -12.36 5.21
CA ALA B 213 -13.75 -12.41 4.46
C ALA B 213 -12.51 -12.27 5.34
N ARG B 214 -11.47 -13.03 4.99
CA ARG B 214 -10.16 -12.94 5.62
C ARG B 214 -9.26 -12.04 4.76
N ASP B 215 -8.06 -11.75 5.25
CA ASP B 215 -7.13 -10.85 4.55
C ASP B 215 -6.84 -11.28 3.11
N ILE B 216 -6.74 -12.59 2.90
CA ILE B 216 -6.32 -13.17 1.62
C ILE B 216 -7.49 -13.52 0.68
N ASP B 217 -8.71 -13.25 1.12
CA ASP B 217 -9.91 -13.66 0.39
C ASP B 217 -10.18 -12.95 -0.95
N THR B 218 -9.43 -11.90 -1.29
CA THR B 218 -9.65 -11.21 -2.58
C THR B 218 -8.72 -11.72 -3.69
N THR B 219 -9.09 -11.47 -4.94
CA THR B 219 -8.27 -11.81 -6.10
C THR B 219 -8.42 -10.76 -7.19
N ILE B 220 -7.44 -10.68 -8.10
CA ILE B 220 -7.56 -9.85 -9.31
C ILE B 220 -7.97 -10.73 -10.51
N SER B 221 -9.10 -10.39 -11.12
CA SER B 221 -9.59 -11.12 -12.28
C SER B 221 -9.52 -10.29 -13.56
N ALA B 222 -9.75 -10.95 -14.69
CA ALA B 222 -9.93 -10.29 -16.00
C ALA B 222 -8.75 -9.44 -16.47
N GLN B 223 -7.54 -9.87 -16.14
CA GLN B 223 -6.34 -9.29 -16.72
C GLN B 223 -6.26 -9.69 -18.21
N ALA B 228 -9.17 -5.43 -15.31
CA ALA B 228 -8.54 -5.83 -14.05
C ALA B 228 -9.40 -5.32 -12.92
N VAL B 229 -9.94 -6.26 -12.14
CA VAL B 229 -10.92 -5.94 -11.08
C VAL B 229 -10.64 -6.79 -9.84
N ARG B 230 -10.55 -6.14 -8.67
CA ARG B 230 -10.43 -6.84 -7.40
C ARG B 230 -11.80 -7.17 -6.81
N ALA B 231 -12.00 -8.44 -6.46
CA ALA B 231 -13.27 -8.94 -5.94
C ALA B 231 -12.98 -10.04 -4.93
N ILE B 232 -13.96 -10.35 -4.08
CA ILE B 232 -13.89 -11.54 -3.21
C ILE B 232 -14.08 -12.84 -4.02
N LYS B 233 -13.16 -13.79 -3.82
CA LYS B 233 -13.15 -15.10 -4.49
C LYS B 233 -14.48 -15.89 -4.35
N ASN B 234 -14.98 -16.41 -5.48
CA ASN B 234 -16.18 -17.26 -5.54
C ASN B 234 -16.19 -18.08 -6.84
N GLN B 235 -17.29 -18.76 -7.14
CA GLN B 235 -17.31 -19.58 -8.37
C GLN B 235 -16.98 -18.75 -9.63
N LEU B 236 -17.47 -17.51 -9.69
CA LEU B 236 -17.25 -16.62 -10.85
C LEU B 236 -15.78 -16.25 -11.13
N THR B 237 -15.01 -15.94 -10.08
CA THR B 237 -13.59 -15.60 -10.22
C THR B 237 -12.77 -16.84 -10.60
N ARG B 238 -13.15 -17.99 -10.07
CA ARG B 238 -12.54 -19.29 -10.42
C ARG B 238 -12.87 -19.72 -11.85
N ASP B 239 -14.13 -19.51 -12.27
CA ASP B 239 -14.58 -19.74 -13.65
C ASP B 239 -13.76 -18.93 -14.65
N PHE B 240 -13.64 -17.63 -14.37
CA PHE B 240 -12.94 -16.67 -15.23
C PHE B 240 -11.47 -17.05 -15.42
N GLU B 241 -10.81 -17.39 -14.31
CA GLU B 241 -9.41 -17.82 -14.32
C GLU B 241 -9.20 -19.08 -15.17
N LEU B 242 -10.12 -20.04 -15.03
CA LEU B 242 -10.06 -21.29 -15.79
C LEU B 242 -10.27 -21.04 -17.29
N ALA B 243 -11.20 -20.15 -17.61
CA ALA B 243 -11.44 -19.76 -19.01
C ALA B 243 -10.37 -18.80 -19.54
N GLU B 244 -9.52 -18.31 -18.63
CA GLU B 244 -8.30 -17.59 -18.99
C GLU B 244 -7.24 -18.63 -19.40
N LYS B 245 -7.22 -19.77 -18.71
CA LYS B 245 -6.29 -20.86 -19.01
C LYS B 245 -6.63 -21.55 -20.31
N ASP B 246 -7.93 -21.81 -20.51
CA ASP B 246 -8.44 -22.38 -21.75
C ASP B 246 -8.05 -21.53 -22.95
N ALA B 247 -8.60 -20.32 -23.00
CA ALA B 247 -8.29 -19.37 -24.06
C ALA B 247 -6.89 -18.78 -23.87
N PHE B 258 -17.42 -15.86 -22.40
CA PHE B 258 -16.56 -14.97 -21.64
C PHE B 258 -17.31 -13.69 -21.22
N GLU B 259 -18.31 -13.32 -22.01
CA GLU B 259 -19.22 -12.25 -21.62
C GLU B 259 -20.53 -12.79 -21.05
N GLN B 260 -20.74 -14.09 -21.24
CA GLN B 260 -21.80 -14.81 -20.54
C GLN B 260 -21.59 -14.68 -19.03
N MET B 261 -20.33 -14.79 -18.61
CA MET B 261 -19.94 -14.66 -17.21
C MET B 261 -19.99 -13.20 -16.75
N GLY B 262 -19.40 -12.30 -17.55
CA GLY B 262 -19.19 -10.90 -17.15
C GLY B 262 -20.39 -9.97 -17.22
N ALA B 263 -21.39 -10.33 -18.03
CA ALA B 263 -22.57 -9.48 -18.22
C ALA B 263 -23.47 -9.45 -16.98
N GLY B 264 -23.73 -8.25 -16.49
CA GLY B 264 -24.60 -8.02 -15.33
C GLY B 264 -24.12 -8.59 -14.00
N ALA B 265 -22.85 -9.00 -13.95
CA ALA B 265 -22.28 -9.72 -12.81
C ALA B 265 -22.36 -8.99 -11.46
N LEU B 266 -22.08 -7.68 -11.48
CA LEU B 266 -22.15 -6.84 -10.28
C LEU B 266 -23.58 -6.64 -9.80
N ALA B 267 -24.51 -6.49 -10.76
CA ALA B 267 -25.93 -6.36 -10.45
C ALA B 267 -26.48 -7.62 -9.80
N LYS B 268 -26.18 -8.78 -10.39
CA LYS B 268 -26.49 -10.09 -9.80
C LYS B 268 -26.12 -10.14 -8.34
N ALA B 269 -24.88 -9.77 -8.02
CA ALA B 269 -24.40 -9.69 -6.63
C ALA B 269 -25.07 -8.59 -5.78
N VAL B 270 -24.86 -7.33 -6.13
CA VAL B 270 -25.37 -6.18 -5.34
C VAL B 270 -26.90 -6.18 -5.14
N VAL B 271 -27.64 -6.50 -6.19
CA VAL B 271 -29.10 -6.44 -6.15
C VAL B 271 -29.76 -7.77 -5.73
N HIS B 272 -29.37 -8.87 -6.38
CA HIS B 272 -30.07 -10.14 -6.17
C HIS B 272 -29.40 -11.11 -5.20
N GLY B 273 -28.20 -10.75 -4.72
CA GLY B 273 -27.51 -11.54 -3.71
C GLY B 273 -26.87 -12.84 -4.20
N ASP B 274 -26.77 -12.99 -5.53
CA ASP B 274 -26.07 -14.15 -6.10
C ASP B 274 -24.57 -13.94 -5.90
N VAL B 275 -24.06 -14.44 -4.78
CA VAL B 275 -22.66 -14.25 -4.44
C VAL B 275 -21.79 -15.43 -4.88
N ASP B 276 -22.34 -16.31 -5.72
CA ASP B 276 -21.60 -17.39 -6.37
C ASP B 276 -21.29 -17.03 -7.82
N GLY B 277 -22.32 -16.64 -8.56
CA GLY B 277 -22.19 -16.30 -9.98
C GLY B 277 -22.01 -14.83 -10.25
N GLY B 278 -22.19 -14.01 -9.21
CA GLY B 278 -22.04 -12.56 -9.30
C GLY B 278 -20.65 -12.02 -8.93
N SER B 279 -20.43 -10.73 -9.23
CA SER B 279 -19.15 -10.08 -8.97
C SER B 279 -19.14 -9.35 -7.62
N VAL B 280 -18.43 -9.91 -6.65
CA VAL B 280 -18.40 -9.35 -5.30
C VAL B 280 -17.14 -8.50 -5.09
N MET B 281 -17.11 -7.34 -5.74
CA MET B 281 -16.00 -6.40 -5.65
C MET B 281 -15.91 -5.84 -4.23
N ALA B 282 -14.70 -5.83 -3.72
CA ALA B 282 -14.39 -5.44 -2.35
C ALA B 282 -12.87 -5.44 -2.24
N GLY B 283 -12.35 -4.63 -1.33
CA GLY B 283 -10.91 -4.43 -1.22
C GLY B 283 -10.21 -5.43 -0.34
N GLN B 284 -8.87 -5.43 -0.42
CA GLN B 284 -8.04 -6.20 0.49
C GLN B 284 -8.31 -5.90 1.97
N ILE B 285 -8.88 -4.73 2.26
CA ILE B 285 -9.20 -4.33 3.64
C ILE B 285 -10.52 -4.90 4.18
N ALA B 286 -11.21 -5.70 3.37
CA ALA B 286 -12.44 -6.39 3.82
C ALA B 286 -12.24 -7.37 5.00
N GLY B 287 -11.03 -7.92 5.11
CA GLY B 287 -10.67 -8.76 6.25
C GLY B 287 -10.66 -8.01 7.57
N LEU B 288 -10.54 -6.68 7.49
CA LEU B 288 -10.58 -5.79 8.68
C LEU B 288 -12.02 -5.29 8.95
N VAL B 289 -12.93 -5.49 8.00
CA VAL B 289 -14.33 -5.07 8.15
C VAL B 289 -15.18 -6.26 8.58
N SER B 290 -15.81 -6.14 9.76
CA SER B 290 -16.60 -7.23 10.31
C SER B 290 -17.78 -6.78 11.19
N LYS B 291 -18.31 -5.59 10.91
CA LYS B 291 -19.48 -5.05 11.62
C LYS B 291 -20.33 -4.15 10.72
N GLU B 292 -21.65 -4.33 10.82
CA GLU B 292 -22.63 -3.46 10.16
C GLU B 292 -22.91 -2.27 11.07
N GLU B 293 -22.79 -1.07 10.50
CA GLU B 293 -22.90 0.16 11.27
C GLU B 293 -23.68 1.18 10.45
N THR B 294 -24.07 2.29 11.07
CA THR B 294 -24.69 3.38 10.33
C THR B 294 -23.57 4.09 9.60
N ALA B 295 -23.89 4.94 8.63
CA ALA B 295 -22.90 5.78 7.96
C ALA B 295 -22.20 6.74 8.93
N GLU B 296 -22.98 7.32 9.86
CA GLU B 296 -22.42 8.22 10.87
C GLU B 296 -21.44 7.53 11.83
N GLU B 297 -21.78 6.31 12.26
CA GLU B 297 -20.89 5.52 13.11
C GLU B 297 -19.57 5.19 12.41
N ILE B 298 -19.65 4.89 11.11
CA ILE B 298 -18.46 4.66 10.30
C ILE B 298 -17.62 5.94 10.18
N LEU B 299 -18.26 7.06 9.83
CA LEU B 299 -17.56 8.38 9.70
C LEU B 299 -16.83 8.84 10.97
N LYS B 300 -17.50 8.75 12.11
CA LYS B 300 -16.94 9.11 13.43
C LYS B 300 -15.76 8.24 13.86
N ASP B 301 -15.85 6.94 13.58
CA ASP B 301 -14.73 6.01 13.86
C ASP B 301 -13.48 6.35 13.05
N LEU B 302 -13.68 6.71 11.78
CA LEU B 302 -12.57 7.06 10.88
C LEU B 302 -11.91 8.39 11.28
N TYR B 303 -12.73 9.38 11.60
CA TYR B 303 -12.26 10.73 11.94
C TYR B 303 -11.68 10.83 13.37
N TYR B 304 -12.41 10.35 14.38
CA TYR B 304 -11.93 10.43 15.76
C TYR B 304 -10.93 9.32 16.08
N GLY B 305 -11.04 8.20 15.35
CA GLY B 305 -10.05 7.12 15.42
C GLY B 305 -8.69 7.59 14.93
N ALA B 306 -8.70 8.41 13.88
CA ALA B 306 -7.48 9.02 13.35
C ALA B 306 -6.89 10.04 14.32
N ALA B 307 -7.71 10.98 14.78
CA ALA B 307 -7.32 12.00 15.75
C ALA B 307 -6.60 11.39 16.96
N LYS B 308 -7.24 10.39 17.56
CA LYS B 308 -6.70 9.66 18.71
C LYS B 308 -5.30 9.09 18.46
N LYS B 309 -5.12 8.40 17.33
CA LYS B 309 -3.85 7.75 16.96
C LYS B 309 -2.75 8.76 16.63
N ILE B 310 -3.08 9.80 15.87
CA ILE B 310 -2.17 10.94 15.63
C ILE B 310 -1.69 11.59 16.93
N GLN B 311 -2.59 11.63 17.92
CA GLN B 311 -2.30 12.26 19.20
C GLN B 311 -1.42 11.36 20.08
N GLU B 312 -1.72 10.06 20.08
CA GLU B 312 -0.90 9.08 20.81
C GLU B 312 0.53 8.99 20.27
N GLU B 313 0.68 9.01 18.95
CA GLU B 313 2.01 8.99 18.32
C GLU B 313 2.80 10.27 18.59
N ALA B 314 2.12 11.42 18.56
CA ALA B 314 2.77 12.69 18.89
C ALA B 314 3.32 12.72 20.32
N SER B 315 2.64 12.03 21.24
CA SER B 315 3.13 11.86 22.62
C SER B 315 4.39 11.01 22.68
N ARG B 316 4.45 9.97 21.85
CA ARG B 316 5.62 9.13 21.73
C ARG B 316 6.81 9.93 21.20
N TRP B 317 6.61 10.63 20.07
CA TRP B 317 7.69 11.31 19.35
C TRP B 317 7.96 12.74 19.81
N THR B 318 7.28 13.19 20.86
CA THR B 318 7.38 14.58 21.32
C THR B 318 8.81 14.98 21.69
N GLY B 319 9.21 16.17 21.26
CA GLY B 319 10.53 16.73 21.59
C GLY B 319 11.72 16.20 20.80
N VAL B 320 11.46 15.60 19.64
CA VAL B 320 12.49 14.99 18.80
C VAL B 320 12.93 15.93 17.66
N VAL B 321 14.23 16.25 17.64
CA VAL B 321 14.81 17.15 16.64
C VAL B 321 16.34 17.02 16.66
CA CA C . 32.65 0.56 -1.20
CA CA D . -0.93 -5.58 17.83
N1 FMN E . 14.26 -9.82 1.82
C2 FMN E . 14.64 -10.99 2.46
O2 FMN E . 13.97 -11.38 3.41
N3 FMN E . 15.74 -11.70 2.00
C4 FMN E . 16.45 -11.22 0.92
O4 FMN E . 17.43 -11.88 0.53
C4A FMN E . 16.07 -10.03 0.28
N5 FMN E . 16.76 -9.53 -0.80
C5A FMN E . 16.40 -8.31 -1.38
C6 FMN E . 17.15 -7.79 -2.44
C7 FMN E . 16.81 -6.58 -3.05
C7M FMN E . 17.66 -6.07 -4.18
C8 FMN E . 15.70 -5.86 -2.58
C8M FMN E . 15.29 -4.55 -3.19
C9 FMN E . 14.95 -6.37 -1.52
C9A FMN E . 15.30 -7.60 -0.91
N10 FMN E . 14.54 -8.13 0.16
C10 FMN E . 14.94 -9.33 0.74
C1' FMN E . 13.48 -7.32 0.86
C2' FMN E . 14.08 -6.14 1.67
O2' FMN E . 14.89 -6.61 2.71
C3' FMN E . 13.00 -5.17 2.19
O3' FMN E . 12.05 -5.81 3.01
C4' FMN E . 12.20 -4.50 1.06
O4' FMN E . 13.08 -4.09 0.02
C5' FMN E . 11.39 -3.33 1.60
O5' FMN E . 10.67 -2.72 0.54
P FMN E . 11.25 -1.41 -0.20
O1P FMN E . 10.11 -0.55 -0.71
O2P FMN E . 12.17 -1.84 -1.30
O3P FMN E . 12.00 -0.56 0.80
O21 TUI F . 12.32 -12.69 0.46
C19 TUI F . 12.10 -11.54 0.13
N20 TUI F . 12.69 -10.98 -0.92
C22 TUI F . 13.70 -11.50 -1.63
S23 TUI F . 14.39 -13.01 -1.46
C24 TUI F . 15.50 -12.77 -2.70
S27 TUI F . 16.67 -13.83 -3.27
C28 TUI F . 15.95 -15.13 -4.10
N29 TUI F . 16.72 -16.07 -4.70
C30 TUI F . 16.19 -17.11 -5.37
C31 TUI F . 14.81 -17.26 -5.44
C32 TUI F . 13.98 -16.32 -4.83
C33 TUI F . 14.56 -15.24 -4.15
C25 TUI F . 15.22 -11.53 -3.17
N26 TUI F . 14.29 -10.91 -2.59
N18 TUI F . 11.25 -10.79 0.83
C17 TUI F . 10.64 -11.18 2.09
C15 TUI F . 9.49 -12.10 1.81
N16 TUI F . 9.17 -13.20 2.53
N14 TUI F . 8.66 -11.95 0.78
C13 TUI F . 7.75 -12.95 0.81
C12 TUI F . 8.09 -13.71 1.92
C3 TUI F . 7.39 -14.94 2.38
C2 TUI F . 7.58 -15.37 3.70
C1 TUI F . 6.95 -16.52 4.17
C4 TUI F . 6.57 -15.66 1.52
C5 TUI F . 5.93 -16.81 1.99
C6 TUI F . 6.13 -17.23 3.31
O7 TUI F . 5.51 -18.36 3.77
C8 TUI F . 5.89 -19.65 3.29
C9 TUI F . 4.67 -20.53 3.25
O11 TUI F . 4.02 -20.65 4.31
O10 TUI F . 4.37 -21.09 2.17
C1 MPD G . 17.25 -11.86 -22.19
C2 MPD G . 18.54 -11.06 -22.03
O2 MPD G . 19.13 -10.81 -23.33
CM MPD G . 18.17 -9.71 -21.43
C3 MPD G . 19.58 -11.80 -21.16
C4 MPD G . 19.01 -13.02 -20.43
O4 MPD G . 19.14 -14.19 -21.21
C5 MPD G . 19.70 -13.22 -19.08
CA CA H . -32.38 0.47 2.66
CA CA I . 1.76 18.63 -2.63
N1 FMN J . -14.61 4.03 -8.50
C2 FMN J . -15.07 4.88 -9.50
O2 FMN J . -14.44 5.87 -9.82
N3 FMN J . -16.25 4.61 -10.17
C4 FMN J . -16.99 3.50 -9.83
O4 FMN J . -18.04 3.30 -10.45
C4A FMN J . -16.55 2.63 -8.82
N5 FMN J . -17.29 1.52 -8.47
C5A FMN J . -16.90 0.72 -7.41
C6 FMN J . -17.70 -0.38 -7.03
C7 FMN J . -17.32 -1.19 -5.96
C7M FMN J . -18.19 -2.36 -5.54
C8 FMN J . -16.12 -0.92 -5.27
C8M FMN J . -15.67 -1.77 -4.13
C9 FMN J . -15.33 0.16 -5.66
C9A FMN J . -15.70 0.99 -6.73
N10 FMN J . -14.91 2.06 -7.12
C10 FMN J . -15.33 2.88 -8.15
C1' FMN J . -13.80 2.55 -6.20
C2' FMN J . -14.27 3.39 -5.00
O2' FMN J . -14.85 4.59 -5.46
C3' FMN J . -13.12 3.73 -4.04
O3' FMN J . -12.15 4.51 -4.69
C4' FMN J . -12.45 2.48 -3.46
O4' FMN J . -13.41 1.55 -3.01
C5' FMN J . -11.48 2.76 -2.33
O5' FMN J . -10.84 1.53 -1.99
P FMN J . -11.37 0.58 -0.79
O1P FMN J . -10.22 -0.10 -0.09
O2P FMN J . -12.28 -0.44 -1.42
O3P FMN J . -12.03 1.43 0.27
O21 TUI K . -13.26 3.12 -11.48
C19 TUI K . -12.84 2.50 -10.51
N20 TUI K . -13.32 1.31 -10.16
C22 TUI K . -14.44 0.77 -10.68
S23 TUI K . -15.26 1.31 -12.02
C24 TUI K . -16.43 0.13 -11.90
S27 TUI K . -17.75 -0.13 -12.92
C28 TUI K . -17.22 -0.76 -14.38
N29 TUI K . -18.13 -0.99 -15.38
C30 TUI K . -17.75 -1.49 -16.57
C31 TUI K . -16.41 -1.79 -16.81
C32 TUI K . -15.47 -1.58 -15.81
C33 TUI K . -15.88 -1.04 -14.59
C25 TUI K . -16.09 -0.60 -10.83
N26 TUI K . -15.05 -0.24 -10.21
N18 TUI K . -11.88 3.02 -9.75
C17 TUI K . -11.33 4.35 -10.01
C15 TUI K . -10.17 4.23 -10.97
N16 TUI K . -9.90 5.08 -11.98
N14 TUI K . -9.27 3.24 -10.90
C13 TUI K . -8.38 3.42 -11.90
C12 TUI K . -8.78 4.58 -12.57
C3 TUI K . -8.11 5.19 -13.74
C2 TUI K . -8.08 6.58 -13.90
C1 TUI K . -7.47 7.15 -15.02
C4 TUI K . -7.54 4.37 -14.72
C5 TUI K . -6.93 4.94 -15.84
C6 TUI K . -6.89 6.33 -15.99
O7 TUI K . -6.29 6.91 -17.10
C8 TUI K . -5.33 6.21 -17.90
C9 TUI K . -5.85 5.96 -19.30
O11 TUI K . -6.46 6.87 -19.90
O10 TUI K . -5.64 4.84 -19.82
#